data_8HNV
#
_entry.id   8HNV
#
_cell.length_a   1.00
_cell.length_b   1.00
_cell.length_c   1.00
_cell.angle_alpha   90.00
_cell.angle_beta   90.00
_cell.angle_gamma   90.00
#
_symmetry.space_group_name_H-M   'P 1'
#
loop_
_entity.id
_entity.type
_entity.pdbx_description
1 polymer 'CRISPR-associated endonuclease Cas9'
2 polymer sgRNA
3 polymer 'target strand'
4 polymer 'non-target strand'
5 polymer 'anti-CRISPR protein AcrIIC4'
#
loop_
_entity_poly.entity_id
_entity_poly.type
_entity_poly.pdbx_seq_one_letter_code
_entity_poly.pdbx_strand_id
1 'polypeptide(L)'
;SMENKNLNYILGLALGIASVGWAVVEIDEKENPLRLIDVGVRTFERAEVPKTGESLALSRRLARSARRLTQRRVARLKKA
KRLLKSENILLSTDERLPHQVWQLRVEGLDHKLERQEWAAVLLHLIKHRGYLSQRKNESKSENKELGALLSGVDNNHKLL
QQATYRSPAELAVKKFEVEEGHIRNQQGAYTHTFSRLDLLAEMELLFSRQQHFGNPFASEKLLENLTALLMWQKPALSGE
AILKMLGKCTFEDEYKAAKNTYSAERFVWITKLNNLRIQENGLERALNDNERLALMEQPYDKNRLFYSQVRSILKLSDEA
IFKGLRYSGEDKKAIETKAVLMEMKAYHQIRKVLEGNNLKAEWAELKANPTLLDEIGTAFSLYKTDEDISAYLAGKLSQP
VLNALLENLSFDKFIQLSLKALYKLLPLMQQGLRYDEACREIYGDHYGKKTEENHHFLPQIPADEIRNPVVLRTLTQARK
VINGVVRLYGSPARIHIETGREVGKSYKDRRELEKRQEENRKQRENAIKEFKEYFPHFAGEPKAKDILKMRLYKQQNAKC
LYSGKPIELHRLLEKGYVEVDAALPFSRTWDDSFNNKVLVLANENQNKGNLTPFEWLDGKHNSERWRAFKALVETSAFPY
AKKQRILSQKLDEKGFIERNLNDTRYVARFLCNFIADNMHLTGEGKRKVFASNGQITALLRSRWGLAKSREDNDRHHALD
AVVVACSTVAMQQKITRFVRFEAGDVFTGERIDRETGEIIPLHFPTPWQFFKQEVEIRIFSDNPKLELENRLPDRPQANH
EFVQPLFVSRMPTRKMTGQGHMETVKSAKRLNEGISVIKMPLTKLKLKDLELMVNREREKDLYDTLKARLEAFNDDPAKA
FAEPFIKKGGAIVKSVRVEQIQKSGVLVREGNGVADNASMVRVDVFTKGGKYFLVPIYTWQVAKGILPNKAATQYKDEED
WEVMDNSATFKFSLHPNDLVKLVTKKKTILGYFNGLNRATGNIDIKEHDLDKSKGKQGIFEGVGIKLALSFEKYQVDELG
KNIRLCKPSKRQPVR
;
A
2 'polyribonucleotide'
;GGUCACUCUAACAUUUAAUCACACGUUGUAGCUCCCUUUUUCGAAAGAAAAACGUUGUUACAAUAAGAGAAAAGAUUUCU
CGCAAAGCUCUGUCCCUUGAAAUGUAAGUUUCAAGGGACAUCUUUUUC
;
B
3 'polydeoxyribonucleotide'
;(DT)(DG)(DA)(DA)(DA)(DT)(DC)(DA)(DT)(DA)(DT)(DG)(DT)(DG)(DT)(DG)(DA)(DT)(DT)(DA)
(DA)(DA)(DT)(DG)(DT)(DT)(DA)(DG)(DA)(DG)(DT)(DG)(DA)(DC)(DC)
;
C
4 'polydeoxyribonucleotide'
;(DG)(DG)(DT)(DC)(DA)(DC)(DT)(DC)(DT)(DA)(DA)(DC)(DA)(DT)(DT)(DT)(DA)(DA)(DT)(DG)
(DT)(DG)(DT)(DG)(DA)(DT)(DA)(DT)(DG)(DA)(DT)(DT)(DT)(DC)(DA)
;
D
5 'polypeptide(L)'
;SMKITSSNFATIATSENFAKLSVLPKNHREPIKGLFKSAVEQFSSARDFFKNENYSKELAEKFNKEAVNEAVEKLQKAID
LAEKQGIQF
;
E
#
# COMPACT_ATOMS: atom_id res chain seq x y z
N LYS A 5 -41.92 -3.78 24.05
CA LYS A 5 -41.50 -5.09 23.57
C LYS A 5 -40.47 -4.97 22.45
N ASN A 6 -40.44 -5.98 21.58
CA ASN A 6 -39.52 -5.97 20.44
C ASN A 6 -40.03 -5.02 19.36
N LEU A 7 -39.67 -3.75 19.48
CA LEU A 7 -40.25 -2.71 18.64
C LEU A 7 -39.91 -2.92 17.17
N ASN A 8 -40.93 -2.86 16.32
CA ASN A 8 -40.74 -2.89 14.88
C ASN A 8 -40.44 -1.48 14.37
N TYR A 9 -39.44 -1.35 13.50
CA TYR A 9 -39.02 -0.03 13.04
C TYR A 9 -38.36 -0.17 11.68
N ILE A 10 -38.25 0.96 10.98
CA ILE A 10 -37.49 1.08 9.75
C ILE A 10 -36.13 1.64 10.09
N LEU A 11 -35.07 0.96 9.65
CA LEU A 11 -33.72 1.41 9.96
C LEU A 11 -33.37 2.71 9.25
N GLY A 12 -33.33 2.68 7.91
CA GLY A 12 -32.88 3.82 7.14
C GLY A 12 -31.40 4.08 7.32
N LEU A 13 -30.77 4.68 6.32
CA LEU A 13 -29.33 4.94 6.38
C LEU A 13 -28.97 5.77 5.15
N ALA A 14 -27.90 6.55 5.28
CA ALA A 14 -27.53 7.55 4.26
C ALA A 14 -26.02 7.45 4.02
N LEU A 15 -25.64 6.70 2.99
CA LEU A 15 -24.23 6.49 2.69
C LEU A 15 -23.57 7.82 2.34
N GLY A 16 -22.25 7.87 2.54
CA GLY A 16 -21.50 9.07 2.22
C GLY A 16 -20.03 8.80 2.08
N ILE A 17 -19.32 9.78 1.52
CA ILE A 17 -17.88 9.68 1.36
C ILE A 17 -17.19 9.65 2.71
N ALA A 18 -17.68 10.46 3.67
CA ALA A 18 -17.05 10.52 4.97
C ALA A 18 -18.06 10.57 6.13
N SER A 19 -19.33 10.26 5.88
CA SER A 19 -20.33 10.34 6.94
C SER A 19 -21.52 9.46 6.58
N VAL A 20 -21.82 8.48 7.43
CA VAL A 20 -22.98 7.60 7.28
C VAL A 20 -23.97 7.95 8.38
N GLY A 21 -25.18 8.37 7.97
CA GLY A 21 -26.24 8.66 8.91
C GLY A 21 -27.06 7.42 9.27
N TRP A 22 -28.10 7.66 10.07
CA TRP A 22 -29.06 6.65 10.47
C TRP A 22 -30.19 7.32 11.24
N ALA A 23 -31.38 6.72 11.17
CA ALA A 23 -32.55 7.31 11.83
C ALA A 23 -33.58 6.22 12.10
N VAL A 24 -33.65 5.77 13.35
CA VAL A 24 -34.68 4.80 13.75
C VAL A 24 -36.04 5.50 13.74
N VAL A 25 -37.02 4.90 13.08
CA VAL A 25 -38.33 5.51 12.87
C VAL A 25 -39.41 4.51 13.30
N GLU A 26 -40.37 5.00 14.08
CA GLU A 26 -41.51 4.18 14.50
C GLU A 26 -42.40 3.83 13.32
N ILE A 27 -42.95 2.61 13.35
CA ILE A 27 -43.94 2.17 12.38
C ILE A 27 -45.06 1.41 13.08
N ASP A 28 -46.01 0.90 12.29
CA ASP A 28 -47.15 0.16 12.80
C ASP A 28 -47.46 -0.99 11.83
N GLU A 29 -48.64 -1.58 11.99
CA GLU A 29 -49.05 -2.69 11.14
C GLU A 29 -49.16 -2.27 9.67
N LYS A 30 -49.55 -1.02 9.40
CA LYS A 30 -49.75 -0.55 8.04
C LYS A 30 -48.49 0.00 7.41
N GLU A 31 -47.36 -0.05 8.13
CA GLU A 31 -46.05 0.36 7.61
C GLU A 31 -46.01 1.82 7.18
N ASN A 32 -46.82 2.67 7.83
CA ASN A 32 -46.70 4.11 7.65
C ASN A 32 -45.86 4.67 8.78
N PRO A 33 -44.71 5.29 8.50
CA PRO A 33 -43.79 5.69 9.58
C PRO A 33 -44.40 6.69 10.54
N LEU A 34 -43.82 6.75 11.74
CA LEU A 34 -44.29 7.64 12.80
C LEU A 34 -43.12 8.36 13.46
N ARG A 35 -43.38 9.01 14.59
CA ARG A 35 -42.36 9.75 15.33
C ARG A 35 -41.12 8.89 15.57
N LEU A 36 -39.98 9.39 15.08
CA LEU A 36 -38.72 8.66 15.18
C LEU A 36 -38.30 8.47 16.64
N ILE A 37 -37.65 7.35 16.92
CA ILE A 37 -37.15 7.09 18.27
C ILE A 37 -35.94 7.96 18.55
N ASP A 38 -34.85 7.76 17.80
CA ASP A 38 -33.64 8.55 17.99
C ASP A 38 -32.80 8.43 16.73
N VAL A 39 -31.99 9.46 16.47
CA VAL A 39 -31.19 9.54 15.25
C VAL A 39 -29.73 9.75 15.60
N GLY A 40 -28.87 9.82 14.58
CA GLY A 40 -27.46 10.06 14.81
C GLY A 40 -26.70 10.10 13.51
N VAL A 41 -25.40 10.41 13.63
CA VAL A 41 -24.50 10.50 12.49
C VAL A 41 -23.18 9.85 12.88
N ARG A 42 -22.61 9.05 11.98
CA ARG A 42 -21.32 8.40 12.20
C ARG A 42 -20.34 8.95 11.17
N THR A 43 -19.64 10.01 11.55
CA THR A 43 -18.65 10.62 10.68
C THR A 43 -17.33 9.85 10.75
N PHE A 44 -16.65 9.75 9.61
CA PHE A 44 -15.37 9.06 9.55
C PHE A 44 -14.46 9.81 8.57
N GLU A 45 -13.33 9.20 8.25
CA GLU A 45 -12.37 9.82 7.35
C GLU A 45 -12.88 9.79 5.92
N ARG A 46 -12.24 10.60 5.06
CA ARG A 46 -12.64 10.69 3.66
C ARG A 46 -12.30 9.43 2.88
N ALA A 47 -11.53 8.50 3.45
CA ALA A 47 -11.14 7.24 2.82
C ALA A 47 -10.31 7.44 1.55
N GLU A 48 -9.81 8.66 1.35
CA GLU A 48 -8.91 8.97 0.25
C GLU A 48 -7.86 9.95 0.75
N VAL A 49 -6.75 10.03 0.02
CA VAL A 49 -5.73 11.02 0.32
C VAL A 49 -6.34 12.39 0.06
N PRO A 50 -6.43 13.26 1.06
CA PRO A 50 -7.16 14.52 0.86
C PRO A 50 -6.55 15.41 -0.21
N LYS A 51 -5.22 15.44 -0.33
CA LYS A 51 -4.57 16.29 -1.33
C LYS A 51 -4.63 15.65 -2.72
N THR A 52 -4.01 14.47 -2.86
CA THR A 52 -3.93 13.83 -4.16
C THR A 52 -5.31 13.38 -4.65
N GLY A 53 -6.15 12.89 -3.75
CA GLY A 53 -7.41 12.29 -4.14
C GLY A 53 -7.35 10.81 -4.42
N GLU A 54 -6.17 10.20 -4.33
CA GLU A 54 -6.01 8.78 -4.60
C GLU A 54 -6.46 7.97 -3.37
N SER A 55 -6.29 6.66 -3.44
CA SER A 55 -6.68 5.76 -2.35
C SER A 55 -5.66 5.84 -1.23
N LEU A 56 -6.12 5.67 0.01
CA LEU A 56 -5.26 5.69 1.18
C LEU A 56 -4.18 4.61 1.09
N ALA A 57 -4.56 3.43 0.59
CA ALA A 57 -3.62 2.33 0.50
C ALA A 57 -2.55 2.54 -0.56
N LEU A 58 -2.75 3.49 -1.48
CA LEU A 58 -1.80 3.67 -2.57
C LEU A 58 -0.49 4.26 -2.05
N SER A 59 -0.56 5.16 -1.06
CA SER A 59 0.66 5.68 -0.46
C SER A 59 1.47 4.58 0.21
N ARG A 60 0.78 3.69 0.95
CA ARG A 60 1.46 2.55 1.54
C ARG A 60 2.04 1.63 0.48
N ARG A 61 1.31 1.46 -0.63
CA ARG A 61 1.81 0.65 -1.74
C ARG A 61 3.11 1.22 -2.31
N LEU A 62 3.14 2.52 -2.58
CA LEU A 62 4.35 3.14 -3.11
C LEU A 62 5.49 3.09 -2.10
N ALA A 63 5.19 3.31 -0.82
CA ALA A 63 6.23 3.25 0.20
C ALA A 63 6.80 1.84 0.33
N ARG A 64 5.95 0.82 0.27
CA ARG A 64 6.43 -0.56 0.35
C ARG A 64 7.23 -0.94 -0.89
N SER A 65 6.81 -0.46 -2.06
CA SER A 65 7.59 -0.69 -3.27
C SER A 65 8.96 -0.05 -3.16
N ALA A 66 9.02 1.17 -2.62
CA ALA A 66 10.32 1.82 -2.43
C ALA A 66 11.17 1.07 -1.43
N ARG A 67 10.57 0.59 -0.33
CA ARG A 67 11.32 -0.18 0.65
C ARG A 67 11.89 -1.45 0.03
N ARG A 68 11.07 -2.17 -0.75
CA ARG A 68 11.54 -3.39 -1.39
C ARG A 68 12.62 -3.10 -2.42
N LEU A 69 12.47 -2.02 -3.19
CA LEU A 69 13.49 -1.67 -4.17
C LEU A 69 14.81 -1.33 -3.50
N THR A 70 14.76 -0.55 -2.42
CA THR A 70 15.99 -0.22 -1.70
C THR A 70 16.62 -1.47 -1.08
N GLN A 71 15.80 -2.34 -0.51
CA GLN A 71 16.32 -3.56 0.12
C GLN A 71 16.96 -4.48 -0.91
N ARG A 72 16.34 -4.63 -2.07
CA ARG A 72 16.91 -5.50 -3.09
C ARG A 72 18.13 -4.86 -3.74
N ARG A 73 18.17 -3.53 -3.84
CA ARG A 73 19.38 -2.87 -4.33
C ARG A 73 20.55 -3.10 -3.40
N VAL A 74 20.34 -2.87 -2.10
CA VAL A 74 21.44 -3.10 -1.15
C VAL A 74 21.77 -4.58 -1.05
N ALA A 75 20.78 -5.47 -1.26
CA ALA A 75 21.06 -6.90 -1.26
C ALA A 75 21.95 -7.30 -2.43
N ARG A 76 21.64 -6.81 -3.63
CA ARG A 76 22.49 -7.10 -4.78
C ARG A 76 23.85 -6.45 -4.64
N LEU A 77 23.93 -5.29 -3.96
CA LEU A 77 25.23 -4.70 -3.69
C LEU A 77 26.03 -5.55 -2.71
N LYS A 78 25.37 -6.14 -1.71
CA LYS A 78 26.05 -7.05 -0.79
C LYS A 78 26.52 -8.31 -1.50
N LYS A 79 25.70 -8.83 -2.43
CA LYS A 79 26.13 -10.00 -3.19
C LYS A 79 27.34 -9.67 -4.06
N ALA A 80 27.33 -8.50 -4.70
CA ALA A 80 28.49 -8.08 -5.48
C ALA A 80 29.73 -7.94 -4.60
N LYS A 81 29.56 -7.35 -3.42
CA LYS A 81 30.68 -7.21 -2.49
C LYS A 81 31.20 -8.58 -2.07
N ARG A 82 30.30 -9.53 -1.86
CA ARG A 82 30.70 -10.89 -1.50
C ARG A 82 31.50 -11.54 -2.62
N LEU A 83 31.05 -11.36 -3.87
CA LEU A 83 31.79 -11.91 -5.01
C LEU A 83 33.18 -11.29 -5.12
N LEU A 84 33.25 -9.96 -4.98
CA LEU A 84 34.54 -9.28 -5.07
C LEU A 84 35.48 -9.70 -3.94
N LYS A 85 34.94 -9.91 -2.74
CA LYS A 85 35.76 -10.41 -1.63
C LYS A 85 36.21 -11.84 -1.89
N SER A 86 35.33 -12.67 -2.44
CA SER A 86 35.70 -14.05 -2.75
C SER A 86 36.83 -14.10 -3.77
N GLU A 87 36.78 -13.25 -4.79
CA GLU A 87 37.90 -13.15 -5.72
C GLU A 87 39.06 -12.34 -5.15
N ASN A 88 38.99 -11.92 -3.88
CA ASN A 88 40.06 -11.19 -3.20
C ASN A 88 40.35 -9.87 -3.89
N ILE A 89 39.30 -9.18 -4.34
CA ILE A 89 39.46 -7.86 -4.94
C ILE A 89 39.19 -6.76 -3.93
N LEU A 90 38.04 -6.83 -3.25
CA LEU A 90 37.69 -5.80 -2.26
C LEU A 90 38.63 -5.85 -1.06
N LEU A 91 39.03 -7.05 -0.64
CA LEU A 91 39.92 -7.25 0.51
C LEU A 91 39.38 -6.58 1.77
N ARG A 96 35.78 2.72 0.90
CA ARG A 96 36.70 3.78 0.53
C ARG A 96 37.12 3.67 -0.93
N LEU A 97 36.16 3.33 -1.79
CA LEU A 97 36.44 3.16 -3.20
C LEU A 97 36.63 4.52 -3.88
N PRO A 98 37.42 4.58 -4.95
CA PRO A 98 37.57 5.84 -5.69
C PRO A 98 36.23 6.34 -6.20
N HIS A 99 36.05 7.65 -6.17
CA HIS A 99 34.77 8.28 -6.51
C HIS A 99 34.67 8.69 -7.97
N GLN A 100 35.78 8.71 -8.71
CA GLN A 100 35.77 9.13 -10.11
C GLN A 100 35.56 7.94 -11.06
N VAL A 101 34.50 7.18 -10.80
CA VAL A 101 34.34 5.89 -11.49
C VAL A 101 33.97 6.04 -12.95
N TRP A 102 33.44 7.19 -13.38
CA TRP A 102 33.17 7.38 -14.80
C TRP A 102 34.47 7.50 -15.59
N GLN A 103 35.38 8.33 -15.12
CA GLN A 103 36.69 8.45 -15.76
C GLN A 103 37.46 7.13 -15.67
N LEU A 104 37.31 6.42 -14.54
CA LEU A 104 37.97 5.13 -14.40
C LEU A 104 37.38 4.10 -15.34
N ARG A 105 36.07 4.16 -15.57
CA ARG A 105 35.43 3.28 -16.55
C ARG A 105 35.96 3.56 -17.95
N VAL A 106 36.07 4.84 -18.32
CA VAL A 106 36.64 5.17 -19.63
C VAL A 106 38.10 4.75 -19.70
N GLU A 107 38.83 4.81 -18.58
CA GLU A 107 40.22 4.40 -18.56
C GLU A 107 40.34 2.89 -18.60
N GLY A 108 39.28 2.16 -18.24
CA GLY A 108 39.32 0.72 -18.35
C GLY A 108 39.37 0.22 -19.78
N LEU A 109 38.91 1.03 -20.74
CA LEU A 109 38.95 0.62 -22.14
C LEU A 109 40.39 0.52 -22.64
N ASP A 110 41.25 1.45 -22.23
CA ASP A 110 42.65 1.48 -22.65
C ASP A 110 43.52 1.62 -21.41
N HIS A 111 44.43 0.67 -21.21
CA HIS A 111 45.35 0.55 -20.07
C HIS A 111 44.65 -0.12 -18.89
N LYS A 112 45.38 -1.00 -18.20
CA LYS A 112 44.81 -1.83 -17.14
C LYS A 112 44.31 -0.96 -15.99
N LEU A 113 43.25 -1.44 -15.34
CA LEU A 113 42.62 -0.77 -14.21
C LEU A 113 43.00 -1.46 -12.92
N GLU A 114 43.42 -0.68 -11.92
CA GLU A 114 43.89 -1.24 -10.65
C GLU A 114 42.74 -1.89 -9.88
N ARG A 115 43.11 -2.52 -8.75
CA ARG A 115 42.16 -3.30 -7.97
C ARG A 115 41.00 -2.44 -7.47
N GLN A 116 41.30 -1.40 -6.69
CA GLN A 116 40.26 -0.58 -6.09
C GLN A 116 39.42 0.13 -7.16
N GLU A 117 40.08 0.60 -8.22
CA GLU A 117 39.37 1.28 -9.29
C GLU A 117 38.41 0.34 -10.01
N TRP A 118 38.88 -0.88 -10.27
CA TRP A 118 38.05 -1.88 -10.94
C TRP A 118 36.86 -2.26 -10.06
N ALA A 119 37.11 -2.42 -8.75
CA ALA A 119 36.02 -2.71 -7.84
C ALA A 119 35.02 -1.57 -7.80
N ALA A 120 35.49 -0.33 -7.78
CA ALA A 120 34.59 0.82 -7.74
C ALA A 120 33.71 0.87 -8.97
N VAL A 121 34.30 0.66 -10.15
CA VAL A 121 33.50 0.77 -11.38
C VAL A 121 32.51 -0.38 -11.48
N LEU A 122 32.91 -1.60 -11.08
CA LEU A 122 31.98 -2.73 -11.09
C LEU A 122 30.83 -2.52 -10.12
N LEU A 123 31.12 -2.03 -8.90
CA LEU A 123 30.03 -1.74 -7.96
C LEU A 123 29.13 -0.62 -8.47
N HIS A 124 29.69 0.38 -9.15
CA HIS A 124 28.86 1.41 -9.75
C HIS A 124 27.95 0.84 -10.83
N LEU A 125 28.48 -0.10 -11.64
CA LEU A 125 27.65 -0.75 -12.64
C LEU A 125 26.55 -1.57 -11.99
N ILE A 126 26.85 -2.25 -10.89
CA ILE A 126 25.83 -3.03 -10.20
C ILE A 126 24.74 -2.13 -9.63
N LYS A 127 25.12 -1.00 -9.03
CA LYS A 127 24.12 -0.15 -8.38
C LYS A 127 23.26 0.59 -9.40
N HIS A 128 23.87 1.11 -10.46
CA HIS A 128 23.15 1.80 -11.53
C HIS A 128 23.11 0.91 -12.76
N ARG A 129 21.92 0.48 -13.14
CA ARG A 129 21.70 -0.51 -14.18
C ARG A 129 21.03 0.04 -15.43
N GLY A 130 20.00 0.86 -15.28
CA GLY A 130 19.40 1.53 -16.41
C GLY A 130 18.20 0.81 -16.99
N TYR A 131 17.85 1.23 -18.19
CA TYR A 131 16.69 0.70 -18.93
C TYR A 131 15.40 0.82 -18.11
N ALA A 148 10.51 10.95 -22.69
CA ALA A 148 11.24 11.26 -21.47
C ALA A 148 12.36 10.26 -21.22
N LEU A 149 12.07 9.25 -20.39
CA LEU A 149 13.08 8.24 -20.10
C LEU A 149 13.44 7.45 -21.36
N LEU A 150 12.43 6.97 -22.09
CA LEU A 150 12.69 6.20 -23.30
C LEU A 150 13.32 7.06 -24.38
N SER A 151 12.94 8.33 -24.48
CA SER A 151 13.56 9.21 -25.46
C SER A 151 15.05 9.35 -25.20
N GLY A 152 15.43 9.54 -23.93
CA GLY A 152 16.84 9.60 -23.60
C GLY A 152 17.55 8.29 -23.84
N VAL A 153 16.90 7.17 -23.55
CA VAL A 153 17.49 5.87 -23.82
C VAL A 153 17.79 5.71 -25.31
N ASP A 154 16.80 6.01 -26.16
CA ASP A 154 17.00 5.88 -27.60
C ASP A 154 18.05 6.85 -28.11
N ASN A 155 18.06 8.09 -27.59
CA ASN A 155 19.05 9.05 -28.03
C ASN A 155 20.46 8.59 -27.68
N ASN A 156 20.66 8.08 -26.46
CA ASN A 156 21.99 7.60 -26.08
C ASN A 156 22.37 6.37 -26.89
N HIS A 157 21.41 5.49 -27.19
CA HIS A 157 21.72 4.32 -27.99
C HIS A 157 22.12 4.71 -29.41
N LYS A 158 21.41 5.67 -30.01
CA LYS A 158 21.78 6.13 -31.35
C LYS A 158 23.14 6.81 -31.35
N LEU A 159 23.41 7.66 -30.35
CA LEU A 159 24.72 8.27 -30.25
C LEU A 159 25.81 7.26 -29.89
N LEU A 160 25.42 6.06 -29.48
CA LEU A 160 26.38 5.02 -29.11
C LEU A 160 26.86 4.22 -30.31
N GLN A 161 26.35 4.48 -31.51
CA GLN A 161 26.75 3.76 -32.72
C GLN A 161 27.87 4.47 -33.48
N GLN A 162 28.75 5.18 -32.77
CA GLN A 162 29.84 5.93 -33.39
C GLN A 162 31.17 5.45 -32.83
N ALA A 163 32.22 5.60 -33.65
CA ALA A 163 33.54 5.13 -33.26
C ALA A 163 34.08 5.87 -32.05
N THR A 164 33.80 7.17 -31.93
CA THR A 164 34.32 7.95 -30.81
C THR A 164 33.72 7.49 -29.49
N TYR A 165 32.40 7.31 -29.45
CA TYR A 165 31.71 6.86 -28.24
C TYR A 165 31.63 5.35 -28.25
N ARG A 166 32.68 4.70 -27.73
CA ARG A 166 32.73 3.25 -27.71
C ARG A 166 31.86 2.64 -26.61
N SER A 167 31.37 3.44 -25.66
CA SER A 167 30.61 2.91 -24.54
C SER A 167 29.86 4.07 -23.88
N PRO A 168 28.81 3.77 -23.11
CA PRO A 168 28.11 4.83 -22.38
C PRO A 168 29.00 5.65 -21.45
N ALA A 169 29.98 5.00 -20.80
CA ALA A 169 30.90 5.73 -19.95
C ALA A 169 31.70 6.74 -20.76
N GLU A 170 32.16 6.35 -21.94
CA GLU A 170 32.84 7.29 -22.84
C GLU A 170 31.87 8.35 -23.35
N LEU A 171 30.59 8.00 -23.51
CA LEU A 171 29.57 8.98 -23.86
C LEU A 171 29.34 9.98 -22.72
N ALA A 172 29.69 9.61 -21.50
CA ALA A 172 29.45 10.47 -20.35
C ALA A 172 30.63 11.38 -20.03
N VAL A 173 31.86 10.90 -20.19
CA VAL A 173 33.03 11.72 -19.87
C VAL A 173 33.42 12.65 -21.00
N LYS A 174 33.16 12.27 -22.26
CA LYS A 174 33.57 13.08 -23.39
C LYS A 174 32.45 13.92 -24.00
N LYS A 175 31.19 13.58 -23.73
CA LYS A 175 30.07 14.33 -24.29
C LYS A 175 29.12 14.90 -23.24
N PHE A 176 28.95 14.23 -22.10
CA PHE A 176 28.00 14.72 -21.11
C PHE A 176 28.59 15.85 -20.27
N GLU A 177 29.79 15.65 -19.74
CA GLU A 177 30.42 16.70 -18.94
C GLU A 177 31.33 17.61 -19.79
N VAL A 178 30.80 18.06 -20.92
CA VAL A 178 31.40 19.14 -21.68
C VAL A 178 30.33 20.19 -21.98
N GLU A 179 29.20 19.76 -22.54
CA GLU A 179 28.09 20.67 -22.83
C GLU A 179 27.26 20.98 -21.59
N GLU A 180 27.11 20.01 -20.70
CA GLU A 180 26.29 20.17 -19.50
C GLU A 180 27.12 20.36 -18.23
N GLY A 181 28.24 19.64 -18.10
CA GLY A 181 29.07 19.70 -16.92
C GLY A 181 28.70 18.71 -15.84
N HIS A 182 27.58 18.01 -15.98
CA HIS A 182 27.15 17.01 -15.01
C HIS A 182 26.87 15.70 -15.74
N ILE A 183 27.36 14.59 -15.18
CA ILE A 183 27.18 13.30 -15.82
C ILE A 183 25.82 12.72 -15.48
N ARG A 184 25.44 12.73 -14.20
CA ARG A 184 24.20 12.13 -13.76
C ARG A 184 23.02 13.05 -14.05
N ASN A 185 21.83 12.45 -14.10
CA ASN A 185 20.61 13.21 -14.33
C ASN A 185 20.31 14.11 -13.14
N GLN A 186 19.56 15.18 -13.41
CA GLN A 186 19.28 16.18 -12.38
C GLN A 186 17.92 16.81 -12.66
N GLN A 187 17.03 16.76 -11.66
CA GLN A 187 15.67 17.31 -11.75
C GLN A 187 14.97 16.80 -13.01
N GLY A 188 14.83 15.48 -13.08
CA GLY A 188 14.35 14.88 -14.31
C GLY A 188 15.45 14.89 -15.35
N ALA A 189 15.15 15.45 -16.51
CA ALA A 189 16.11 15.60 -17.62
C ALA A 189 16.77 14.25 -17.93
N TYR A 190 15.93 13.31 -18.36
CA TYR A 190 16.31 11.93 -18.57
C TYR A 190 17.13 11.71 -19.83
N THR A 191 17.72 12.77 -20.40
CA THR A 191 18.56 12.63 -21.57
C THR A 191 19.87 11.90 -21.28
N HIS A 192 20.20 11.67 -20.01
CA HIS A 192 21.44 10.98 -19.64
C HIS A 192 21.20 9.52 -19.26
N THR A 193 19.99 9.00 -19.49
CA THR A 193 19.67 7.64 -19.11
C THR A 193 20.34 6.65 -20.08
N PHE A 194 20.74 5.51 -19.54
CA PHE A 194 21.41 4.47 -20.31
C PHE A 194 20.53 3.22 -20.34
N SER A 195 21.05 2.15 -20.93
CA SER A 195 20.33 0.89 -21.07
C SER A 195 21.00 -0.21 -20.27
N ARG A 196 20.18 -1.20 -19.86
CA ARG A 196 20.72 -2.38 -19.21
C ARG A 196 21.66 -3.14 -20.14
N LEU A 197 21.27 -3.28 -21.42
CA LEU A 197 22.13 -3.95 -22.40
C LEU A 197 23.39 -3.14 -22.68
N ASP A 198 23.28 -1.81 -22.69
CA ASP A 198 24.46 -0.98 -22.94
C ASP A 198 25.48 -1.14 -21.82
N LEU A 199 25.02 -1.14 -20.57
CA LEU A 199 25.95 -1.35 -19.45
C LEU A 199 26.44 -2.79 -19.39
N LEU A 200 25.62 -3.74 -19.85
CA LEU A 200 26.07 -5.12 -19.97
C LEU A 200 27.23 -5.22 -20.95
N ALA A 201 27.10 -4.54 -22.09
CA ALA A 201 28.18 -4.47 -23.07
C ALA A 201 29.39 -3.74 -22.52
N GLU A 202 29.16 -2.69 -21.72
CA GLU A 202 30.28 -2.03 -21.03
C GLU A 202 31.07 -3.01 -20.19
N MET A 203 30.37 -3.79 -19.35
CA MET A 203 31.04 -4.74 -18.48
C MET A 203 31.77 -5.80 -19.30
N GLU A 204 31.13 -6.31 -20.36
CA GLU A 204 31.76 -7.32 -21.19
C GLU A 204 33.03 -6.80 -21.86
N LEU A 205 32.96 -5.58 -22.42
CA LEU A 205 34.12 -5.02 -23.10
C LEU A 205 35.23 -4.69 -22.11
N LEU A 206 34.87 -4.20 -20.91
CA LEU A 206 35.87 -3.94 -19.89
C LEU A 206 36.59 -5.22 -19.47
N PHE A 207 35.82 -6.30 -19.28
CA PHE A 207 36.45 -7.58 -18.96
C PHE A 207 37.38 -8.04 -20.09
N SER A 208 36.92 -7.88 -21.34
CA SER A 208 37.73 -8.30 -22.49
C SER A 208 39.06 -7.53 -22.52
N ARG A 209 39.00 -6.20 -22.43
CA ARG A 209 40.23 -5.41 -22.46
C ARG A 209 41.12 -5.71 -21.26
N GLN A 210 40.54 -5.84 -20.06
CA GLN A 210 41.34 -6.09 -18.88
C GLN A 210 42.06 -7.42 -18.97
N GLN A 211 41.39 -8.45 -19.49
CA GLN A 211 42.09 -9.70 -19.76
C GLN A 211 43.16 -9.51 -20.83
N HIS A 212 42.87 -8.70 -21.84
CA HIS A 212 43.90 -8.33 -22.82
C HIS A 212 45.00 -7.50 -22.19
N PHE A 213 44.66 -6.69 -21.17
CA PHE A 213 45.63 -5.84 -20.50
C PHE A 213 46.33 -6.52 -19.33
N GLY A 214 46.19 -7.83 -19.22
CA GLY A 214 46.83 -8.57 -18.15
C GLY A 214 46.33 -8.23 -16.76
N ASN A 215 45.01 -8.18 -16.59
CA ASN A 215 44.42 -7.94 -15.29
C ASN A 215 44.10 -9.30 -14.66
N PRO A 216 44.79 -9.71 -13.59
CA PRO A 216 44.50 -11.03 -13.00
C PRO A 216 43.07 -11.17 -12.51
N PHE A 217 42.48 -10.10 -11.99
CA PHE A 217 41.18 -10.18 -11.32
C PHE A 217 40.03 -9.93 -12.31
N ALA A 218 40.02 -10.68 -13.41
CA ALA A 218 39.02 -10.54 -14.46
C ALA A 218 38.57 -11.92 -14.94
N SER A 219 38.29 -12.81 -13.99
CA SER A 219 37.89 -14.17 -14.33
C SER A 219 36.54 -14.19 -15.03
N GLU A 220 36.35 -15.17 -15.91
CA GLU A 220 35.11 -15.30 -16.65
C GLU A 220 33.94 -15.68 -15.74
N LYS A 221 34.20 -16.47 -14.70
CA LYS A 221 33.14 -16.80 -13.75
C LYS A 221 32.65 -15.56 -13.03
N LEU A 222 33.56 -14.64 -12.69
CA LEU A 222 33.15 -13.35 -12.15
C LEU A 222 32.28 -12.59 -13.12
N LEU A 223 32.64 -12.62 -14.40
CA LEU A 223 31.83 -11.95 -15.42
C LEU A 223 30.42 -12.54 -15.47
N GLU A 224 30.32 -13.88 -15.45
CA GLU A 224 29.01 -14.52 -15.50
C GLU A 224 28.17 -14.17 -14.27
N ASN A 225 28.78 -14.23 -13.09
CA ASN A 225 28.05 -13.91 -11.86
C ASN A 225 27.58 -12.45 -11.85
N LEU A 226 28.45 -11.53 -12.29
CA LEU A 226 28.09 -10.12 -12.27
C LEU A 226 27.05 -9.80 -13.35
N THR A 227 27.11 -10.50 -14.48
CA THR A 227 26.08 -10.32 -15.50
C THR A 227 24.73 -10.82 -15.00
N ALA A 228 24.74 -11.95 -14.29
CA ALA A 228 23.51 -12.43 -13.67
C ALA A 228 22.97 -11.43 -12.65
N LEU A 229 23.85 -10.86 -11.84
CA LEU A 229 23.42 -9.85 -10.87
C LEU A 229 22.83 -8.63 -11.56
N LEU A 230 23.51 -8.12 -12.59
CA LEU A 230 23.02 -6.96 -13.32
C LEU A 230 21.69 -7.24 -13.99
N MET A 231 21.49 -8.47 -14.47
CA MET A 231 20.30 -8.78 -15.25
C MET A 231 19.17 -9.40 -14.43
N TRP A 232 19.45 -9.85 -13.21
CA TRP A 232 18.41 -10.48 -12.40
C TRP A 232 17.33 -9.47 -12.02
N GLN A 233 16.10 -9.96 -11.97
CA GLN A 233 14.95 -9.12 -11.65
C GLN A 233 13.80 -10.01 -11.20
N LYS A 234 13.25 -9.72 -10.04
CA LYS A 234 12.23 -10.58 -9.46
C LYS A 234 10.97 -10.55 -10.32
N PRO A 235 10.37 -11.70 -10.64
CA PRO A 235 9.20 -11.72 -11.52
C PRO A 235 8.02 -11.00 -10.90
N ALA A 236 7.19 -10.40 -11.76
CA ALA A 236 5.97 -9.72 -11.35
C ALA A 236 4.94 -10.78 -10.94
N LEU A 237 5.05 -11.22 -9.68
CA LEU A 237 4.21 -12.31 -9.21
C LEU A 237 2.77 -11.88 -9.04
N SER A 238 2.53 -10.73 -8.42
CA SER A 238 1.19 -10.21 -8.15
C SER A 238 0.26 -11.29 -7.61
N GLY A 239 -1.00 -11.27 -8.03
CA GLY A 239 -1.92 -12.35 -7.71
C GLY A 239 -2.20 -12.45 -6.23
N GLU A 240 -2.53 -13.67 -5.80
CA GLU A 240 -2.80 -13.97 -4.41
C GLU A 240 -2.02 -15.21 -4.01
N ALA A 241 -1.25 -15.11 -2.92
CA ALA A 241 -0.40 -16.22 -2.51
C ALA A 241 -1.19 -17.45 -2.08
N ILE A 242 -2.47 -17.28 -1.73
CA ILE A 242 -3.29 -18.42 -1.32
C ILE A 242 -3.47 -19.39 -2.48
N LEU A 243 -3.73 -18.87 -3.68
CA LEU A 243 -4.00 -19.71 -4.83
C LEU A 243 -2.77 -20.51 -5.28
N LYS A 244 -1.58 -20.09 -4.88
CA LYS A 244 -0.35 -20.71 -5.38
C LYS A 244 0.04 -21.97 -4.61
N MET A 245 -0.69 -22.32 -3.56
CA MET A 245 -0.39 -23.56 -2.83
C MET A 245 -1.27 -24.71 -3.32
N LEU A 246 -0.73 -25.92 -3.19
CA LEU A 246 -1.39 -27.13 -3.69
C LEU A 246 -2.37 -27.63 -2.64
N GLY A 247 -3.65 -27.41 -2.87
CA GLY A 247 -4.68 -27.87 -1.97
C GLY A 247 -5.01 -29.34 -2.17
N LYS A 248 -6.15 -29.75 -1.59
CA LYS A 248 -6.65 -31.10 -1.76
C LYS A 248 -8.14 -31.16 -2.09
N CYS A 249 -8.89 -30.08 -1.85
CA CYS A 249 -10.28 -29.90 -2.27
C CYS A 249 -11.24 -30.77 -1.47
N THR A 250 -10.70 -31.73 -0.70
CA THR A 250 -11.42 -32.58 0.25
C THR A 250 -12.50 -33.44 -0.40
N PHE A 251 -12.71 -33.34 -1.71
CA PHE A 251 -13.73 -34.14 -2.37
C PHE A 251 -13.21 -35.52 -2.73
N GLU A 252 -12.21 -35.59 -3.61
CA GLU A 252 -11.51 -36.82 -3.91
C GLU A 252 -10.34 -37.07 -2.97
N ASP A 253 -9.91 -36.03 -2.24
CA ASP A 253 -8.89 -36.15 -1.20
C ASP A 253 -7.57 -36.69 -1.76
N GLU A 254 -7.24 -36.34 -3.00
CA GLU A 254 -5.92 -36.71 -3.51
C GLU A 254 -4.97 -35.52 -3.44
N TYR A 255 -5.22 -34.50 -4.25
CA TYR A 255 -4.45 -33.26 -4.43
C TYR A 255 -5.40 -32.22 -5.01
N LYS A 256 -4.83 -31.12 -5.50
CA LYS A 256 -5.59 -30.05 -6.14
C LYS A 256 -5.18 -29.99 -7.61
N ALA A 257 -6.16 -29.75 -8.48
CA ALA A 257 -5.89 -29.65 -9.92
C ALA A 257 -5.31 -28.29 -10.26
N ALA A 258 -4.35 -28.28 -11.19
CA ALA A 258 -3.73 -27.05 -11.63
C ALA A 258 -4.70 -26.16 -12.40
N LYS A 259 -4.56 -24.85 -12.21
CA LYS A 259 -5.43 -23.90 -12.90
C LYS A 259 -5.19 -23.90 -14.39
N ASN A 260 -3.95 -24.11 -14.84
CA ASN A 260 -3.59 -24.00 -16.24
C ASN A 260 -3.68 -25.33 -16.99
N THR A 261 -4.47 -26.27 -16.48
CA THR A 261 -4.73 -27.50 -17.20
C THR A 261 -5.90 -27.30 -18.16
N TYR A 262 -6.02 -28.22 -19.11
CA TYR A 262 -7.11 -28.15 -20.08
C TYR A 262 -8.46 -28.28 -19.40
N SER A 263 -8.57 -29.22 -18.46
CA SER A 263 -9.84 -29.44 -17.76
C SER A 263 -10.23 -28.23 -16.93
N ALA A 264 -9.25 -27.64 -16.21
CA ALA A 264 -9.55 -26.46 -15.40
C ALA A 264 -9.96 -25.28 -16.26
N GLU A 265 -9.26 -25.06 -17.37
CA GLU A 265 -9.64 -23.99 -18.28
C GLU A 265 -10.99 -24.26 -18.92
N ARG A 266 -11.28 -25.53 -19.22
CA ARG A 266 -12.62 -25.90 -19.67
C ARG A 266 -13.66 -25.66 -18.57
N PHE A 267 -13.28 -25.88 -17.30
CA PHE A 267 -14.19 -25.64 -16.19
C PHE A 267 -14.66 -24.19 -16.17
N VAL A 268 -13.71 -23.26 -16.21
CA VAL A 268 -14.05 -21.84 -16.21
C VAL A 268 -14.68 -21.43 -17.54
N TRP A 269 -14.57 -22.27 -18.57
CA TRP A 269 -15.15 -21.96 -19.88
C TRP A 269 -16.57 -22.50 -20.01
N ILE A 270 -16.81 -23.74 -19.60
CA ILE A 270 -18.14 -24.32 -19.67
C ILE A 270 -19.11 -23.54 -18.77
N THR A 271 -18.66 -23.20 -17.56
CA THR A 271 -19.50 -22.44 -16.65
C THR A 271 -19.83 -21.06 -17.21
N LYS A 272 -18.83 -20.40 -17.81
CA LYS A 272 -19.03 -19.07 -18.37
C LYS A 272 -19.78 -19.14 -19.70
N ARG A 292 -25.50 -25.78 -30.71
CA ARG A 292 -25.43 -26.43 -29.41
C ARG A 292 -24.01 -26.88 -29.11
N LEU A 293 -23.53 -27.89 -29.83
CA LEU A 293 -22.19 -28.42 -29.65
C LEU A 293 -21.14 -27.63 -30.41
N ALA A 294 -21.54 -26.61 -31.17
CA ALA A 294 -20.60 -25.83 -31.97
C ALA A 294 -19.74 -24.89 -31.11
N LEU A 295 -20.08 -24.71 -29.83
CA LEU A 295 -19.34 -23.80 -28.97
C LEU A 295 -18.15 -24.46 -28.28
N MET A 296 -17.97 -25.77 -28.43
CA MET A 296 -16.81 -26.43 -27.82
C MET A 296 -15.52 -26.10 -28.57
N GLU A 297 -15.59 -26.09 -29.90
CA GLU A 297 -14.42 -25.76 -30.72
C GLU A 297 -14.15 -24.26 -30.74
N GLN A 298 -15.14 -23.44 -30.41
CA GLN A 298 -15.01 -21.99 -30.54
C GLN A 298 -13.82 -21.39 -29.79
N PRO A 299 -13.46 -21.83 -28.59
CA PRO A 299 -12.26 -21.24 -27.94
C PRO A 299 -11.00 -21.37 -28.77
N TYR A 300 -10.85 -22.42 -29.56
CA TYR A 300 -9.73 -22.52 -30.48
C TYR A 300 -9.95 -21.74 -31.76
N ASP A 301 -11.19 -21.34 -32.06
CA ASP A 301 -11.47 -20.58 -33.27
C ASP A 301 -10.89 -19.18 -33.23
N LYS A 302 -10.61 -18.64 -32.05
CA LYS A 302 -10.03 -17.31 -31.93
C LYS A 302 -9.24 -17.23 -30.62
N ASN A 303 -8.15 -16.47 -30.65
CA ASN A 303 -7.26 -16.40 -29.50
C ASN A 303 -7.95 -15.78 -28.29
N ARG A 304 -8.73 -14.73 -28.49
CA ARG A 304 -9.56 -14.17 -27.43
C ARG A 304 -10.93 -13.81 -28.00
N LEU A 305 -11.95 -13.96 -27.17
CA LEU A 305 -13.31 -13.66 -27.61
C LEU A 305 -13.60 -12.17 -27.45
N PHE A 306 -14.52 -11.68 -28.28
CA PHE A 306 -14.90 -10.27 -28.28
C PHE A 306 -16.41 -10.19 -28.49
N TYR A 307 -16.90 -8.98 -28.77
CA TYR A 307 -18.34 -8.79 -28.94
C TYR A 307 -18.86 -9.46 -30.20
N SER A 308 -17.98 -9.81 -31.13
CA SER A 308 -18.42 -10.34 -32.42
C SER A 308 -19.17 -11.67 -32.25
N GLN A 309 -18.66 -12.56 -31.40
CA GLN A 309 -19.25 -13.88 -31.21
C GLN A 309 -19.53 -14.19 -29.75
N VAL A 310 -19.83 -13.19 -28.93
CA VAL A 310 -20.13 -13.41 -27.52
C VAL A 310 -21.65 -13.46 -27.31
N MET A 342 -14.24 -15.08 -22.44
CA MET A 342 -13.22 -15.82 -21.70
C MET A 342 -12.16 -16.37 -22.63
N GLU A 343 -10.89 -16.03 -22.36
CA GLU A 343 -9.77 -16.46 -23.17
C GLU A 343 -9.17 -17.73 -22.57
N MET A 344 -8.98 -18.75 -23.41
CA MET A 344 -8.30 -19.98 -23.00
C MET A 344 -6.80 -19.72 -23.11
N LYS A 345 -6.27 -19.00 -22.12
CA LYS A 345 -4.92 -18.45 -22.22
C LYS A 345 -3.87 -19.54 -22.31
N ALA A 346 -3.97 -20.57 -21.49
CA ALA A 346 -2.93 -21.60 -21.46
C ALA A 346 -2.86 -22.37 -22.77
N TYR A 347 -4.01 -22.76 -23.32
CA TYR A 347 -4.03 -23.54 -24.55
C TYR A 347 -3.44 -22.74 -25.71
N HIS A 348 -3.87 -21.48 -25.86
CA HIS A 348 -3.31 -20.64 -26.91
C HIS A 348 -1.84 -20.32 -26.69
N GLN A 349 -1.41 -20.24 -25.43
CA GLN A 349 0.01 -20.05 -25.16
C GLN A 349 0.82 -21.25 -25.63
N ILE A 350 0.33 -22.46 -25.35
CA ILE A 350 1.02 -23.66 -25.83
C ILE A 350 1.00 -23.70 -27.36
N ARG A 351 -0.11 -23.29 -27.96
CA ARG A 351 -0.20 -23.24 -29.42
C ARG A 351 0.85 -22.30 -30.00
N LYS A 352 0.96 -21.09 -29.43
CA LYS A 352 1.93 -20.12 -29.91
C LYS A 352 3.35 -20.60 -29.73
N VAL A 353 3.65 -21.23 -28.59
CA VAL A 353 5.00 -21.73 -28.36
C VAL A 353 5.33 -22.85 -29.34
N LEU A 354 4.35 -23.72 -29.63
CA LEU A 354 4.61 -24.84 -30.53
C LEU A 354 4.77 -24.36 -31.98
N GLU A 355 3.97 -23.39 -32.41
CA GLU A 355 4.13 -22.85 -33.75
C GLU A 355 5.34 -21.92 -33.86
N GLY A 356 5.96 -21.56 -32.74
CA GLY A 356 7.15 -20.72 -32.80
C GLY A 356 8.28 -21.40 -33.52
N ASN A 357 8.47 -22.68 -33.28
CA ASN A 357 9.45 -23.47 -34.01
C ASN A 357 8.80 -23.99 -35.29
N ASN A 358 9.44 -24.95 -35.96
CA ASN A 358 8.88 -25.59 -37.14
C ASN A 358 8.24 -26.94 -36.78
N LEU A 359 7.80 -27.09 -35.54
CA LEU A 359 7.16 -28.32 -35.03
C LEU A 359 5.65 -28.32 -35.20
N LYS A 360 5.16 -28.11 -36.42
CA LYS A 360 3.71 -28.12 -36.64
C LYS A 360 3.14 -29.53 -36.64
N ALA A 361 3.96 -30.52 -37.03
CA ALA A 361 3.47 -31.88 -37.16
C ALA A 361 3.05 -32.46 -35.82
N GLU A 362 3.83 -32.21 -34.77
CA GLU A 362 3.52 -32.81 -33.48
C GLU A 362 2.34 -32.13 -32.81
N TRP A 363 2.18 -30.81 -33.02
CA TRP A 363 1.10 -30.08 -32.37
C TRP A 363 -0.27 -30.56 -32.85
N ALA A 364 -0.35 -31.10 -34.07
CA ALA A 364 -1.62 -31.57 -34.59
C ALA A 364 -2.19 -32.69 -33.72
N GLU A 365 -1.34 -33.60 -33.26
CA GLU A 365 -1.81 -34.68 -32.39
C GLU A 365 -2.14 -34.15 -31.00
N LEU A 366 -1.35 -33.19 -30.51
CA LEU A 366 -1.59 -32.66 -29.16
C LEU A 366 -2.91 -31.90 -29.07
N LYS A 367 -3.39 -31.36 -30.19
CA LYS A 367 -4.62 -30.57 -30.17
C LYS A 367 -5.81 -31.43 -29.73
N ALA A 368 -5.93 -32.63 -30.30
CA ALA A 368 -7.07 -33.48 -30.01
C ALA A 368 -7.06 -33.98 -28.57
N ASN A 369 -5.91 -34.42 -28.09
CA ASN A 369 -5.81 -35.03 -26.77
C ASN A 369 -6.07 -33.99 -25.68
N PRO A 370 -7.10 -34.19 -24.83
CA PRO A 370 -7.27 -33.28 -23.68
C PRO A 370 -6.49 -33.74 -22.46
N THR A 371 -6.30 -35.06 -22.33
CA THR A 371 -5.61 -35.60 -21.17
C THR A 371 -4.13 -35.24 -21.20
N LEU A 372 -3.51 -35.28 -22.39
CA LEU A 372 -2.11 -34.91 -22.51
C LEU A 372 -1.89 -33.45 -22.14
N LEU A 373 -2.81 -32.58 -22.56
CA LEU A 373 -2.75 -31.19 -22.12
C LEU A 373 -2.94 -31.09 -20.61
N ASP A 374 -3.77 -31.96 -20.04
CA ASP A 374 -3.95 -31.97 -18.59
C ASP A 374 -2.64 -32.30 -17.87
N GLU A 375 -1.94 -33.33 -18.34
CA GLU A 375 -0.67 -33.66 -17.67
C GLU A 375 0.39 -32.60 -17.92
N ILE A 376 0.39 -31.97 -19.10
CA ILE A 376 1.31 -30.87 -19.35
C ILE A 376 1.05 -29.74 -18.35
N GLY A 377 -0.23 -29.39 -18.16
CA GLY A 377 -0.58 -28.34 -17.24
C GLY A 377 -0.17 -28.67 -15.80
N THR A 378 -0.45 -29.90 -15.37
CA THR A 378 -0.04 -30.30 -14.02
C THR A 378 1.47 -30.26 -13.86
N ALA A 379 2.21 -30.76 -14.85
CA ALA A 379 3.67 -30.78 -14.76
C ALA A 379 4.24 -29.37 -14.70
N PHE A 380 3.67 -28.44 -15.47
CA PHE A 380 4.23 -27.09 -15.52
C PHE A 380 3.77 -26.22 -14.35
N SER A 381 2.57 -26.47 -13.82
CA SER A 381 2.06 -25.69 -12.70
C SER A 381 2.36 -26.33 -11.34
N LEU A 382 2.98 -27.51 -11.32
CA LEU A 382 3.35 -28.15 -10.06
C LEU A 382 4.85 -28.36 -9.92
N TYR A 383 5.58 -28.46 -11.02
CA TYR A 383 7.03 -28.52 -11.00
C TYR A 383 7.58 -27.32 -11.75
N LYS A 384 8.81 -26.92 -11.41
CA LYS A 384 9.43 -25.76 -12.04
C LYS A 384 10.85 -26.02 -12.52
N THR A 385 11.54 -27.03 -12.01
CA THR A 385 12.88 -27.37 -12.47
C THR A 385 12.78 -28.20 -13.74
N ASP A 386 13.81 -28.07 -14.60
CA ASP A 386 13.79 -28.76 -15.88
C ASP A 386 13.75 -30.28 -15.70
N GLU A 387 14.57 -30.80 -14.78
CA GLU A 387 14.62 -32.23 -14.55
C GLU A 387 13.27 -32.77 -14.08
N ASP A 388 12.53 -31.96 -13.30
CA ASP A 388 11.25 -32.41 -12.76
C ASP A 388 10.25 -32.68 -13.87
N ILE A 389 10.04 -31.70 -14.74
CA ILE A 389 9.11 -31.90 -15.87
C ILE A 389 9.65 -32.94 -16.84
N SER A 390 10.97 -32.99 -17.02
CA SER A 390 11.54 -34.00 -17.92
C SER A 390 11.24 -35.41 -17.43
N ALA A 391 11.34 -35.64 -16.11
CA ALA A 391 11.03 -36.95 -15.57
C ALA A 391 9.54 -37.21 -15.50
N TYR A 392 8.73 -36.17 -15.26
CA TYR A 392 7.29 -36.37 -15.15
C TYR A 392 6.63 -36.60 -16.51
N LEU A 393 7.24 -36.11 -17.59
CA LEU A 393 6.67 -36.27 -18.91
C LEU A 393 7.67 -36.91 -19.86
N ALA A 394 8.33 -37.96 -19.39
CA ALA A 394 9.36 -38.65 -20.18
C ALA A 394 8.77 -39.25 -21.45
N GLY A 395 7.80 -40.15 -21.31
CA GLY A 395 7.23 -40.81 -22.46
C GLY A 395 5.96 -40.20 -23.01
N LYS A 396 5.32 -39.29 -22.28
CA LYS A 396 4.10 -38.66 -22.78
C LYS A 396 4.38 -37.70 -23.94
N LEU A 397 5.63 -37.30 -24.13
CA LEU A 397 5.97 -36.32 -25.17
C LEU A 397 7.32 -36.66 -25.75
N SER A 398 7.51 -36.28 -27.02
CA SER A 398 8.77 -36.53 -27.70
C SER A 398 9.83 -35.54 -27.22
N GLN A 399 11.09 -35.83 -27.57
CA GLN A 399 12.19 -34.97 -27.16
C GLN A 399 12.09 -33.55 -27.72
N PRO A 400 11.85 -33.32 -29.01
CA PRO A 400 11.83 -31.93 -29.48
C PRO A 400 10.65 -31.13 -28.97
N VAL A 401 9.47 -31.73 -28.92
CA VAL A 401 8.29 -31.01 -28.42
C VAL A 401 8.46 -30.66 -26.95
N LEU A 402 9.09 -31.55 -26.17
CA LEU A 402 9.34 -31.26 -24.76
C LEU A 402 10.38 -30.16 -24.62
N ASN A 403 11.47 -30.24 -25.39
CA ASN A 403 12.53 -29.25 -25.29
C ASN A 403 12.02 -27.87 -25.69
N ALA A 404 11.16 -27.79 -26.71
CA ALA A 404 10.55 -26.52 -27.07
C ALA A 404 9.48 -26.09 -26.07
N LEU A 405 8.87 -27.04 -25.37
CA LEU A 405 7.86 -26.67 -24.36
C LEU A 405 8.50 -26.04 -23.14
N LEU A 406 9.68 -26.50 -22.74
CA LEU A 406 10.38 -25.96 -21.58
C LEU A 406 11.34 -24.84 -21.93
N GLU A 407 10.88 -23.87 -22.73
CA GLU A 407 11.66 -22.68 -23.03
C GLU A 407 10.84 -21.39 -23.01
N ASN A 408 9.51 -21.47 -23.06
CA ASN A 408 8.67 -20.28 -23.02
C ASN A 408 7.46 -20.44 -22.10
N LEU A 409 7.17 -21.65 -21.61
CA LEU A 409 6.01 -21.89 -20.78
C LEU A 409 6.30 -21.57 -19.33
N SER A 410 5.31 -20.99 -18.65
CA SER A 410 5.41 -20.69 -17.23
C SER A 410 4.01 -20.67 -16.65
N PHE A 411 3.66 -21.73 -15.91
CA PHE A 411 2.32 -21.89 -15.37
C PHE A 411 2.36 -21.84 -13.85
N ASP A 412 1.25 -21.37 -13.27
CA ASP A 412 1.14 -21.24 -11.82
C ASP A 412 -0.34 -21.21 -11.46
N LYS A 413 -0.60 -21.19 -10.15
CA LYS A 413 -1.95 -21.08 -9.58
C LYS A 413 -2.74 -22.37 -9.79
N PHE A 414 -3.82 -22.54 -9.03
CA PHE A 414 -4.61 -23.76 -9.08
C PHE A 414 -6.09 -23.41 -9.13
N ILE A 415 -6.87 -24.29 -9.74
CA ILE A 415 -8.32 -24.17 -9.75
C ILE A 415 -8.84 -24.75 -8.44
N GLN A 416 -10.11 -24.47 -8.13
CA GLN A 416 -10.64 -24.88 -6.84
C GLN A 416 -11.05 -26.35 -6.78
N LEU A 417 -11.06 -27.05 -7.91
CA LEU A 417 -11.47 -28.44 -7.97
C LEU A 417 -10.26 -29.34 -8.24
N SER A 418 -10.52 -30.64 -8.37
CA SER A 418 -9.49 -31.64 -8.56
C SER A 418 -9.60 -32.27 -9.94
N LEU A 419 -8.55 -33.00 -10.32
CA LEU A 419 -8.49 -33.57 -11.66
C LEU A 419 -9.57 -34.62 -11.87
N LYS A 420 -9.68 -35.58 -10.94
CA LYS A 420 -10.73 -36.59 -11.04
C LYS A 420 -12.11 -35.94 -10.92
N ALA A 421 -12.26 -34.99 -10.01
CA ALA A 421 -13.53 -34.27 -9.89
C ALA A 421 -13.86 -33.54 -11.18
N LEU A 422 -12.85 -32.92 -11.81
CA LEU A 422 -13.08 -32.27 -13.09
C LEU A 422 -13.52 -33.29 -14.14
N TYR A 423 -12.88 -34.46 -14.17
CA TYR A 423 -13.28 -35.50 -15.12
C TYR A 423 -14.74 -35.89 -14.93
N LYS A 424 -15.16 -36.06 -13.67
CA LYS A 424 -16.55 -36.41 -13.41
C LYS A 424 -17.51 -35.28 -13.80
N LEU A 425 -17.15 -34.03 -13.51
CA LEU A 425 -18.13 -32.95 -13.59
C LEU A 425 -18.20 -32.26 -14.94
N LEU A 426 -17.13 -32.30 -15.75
CA LEU A 426 -17.13 -31.56 -17.01
C LEU A 426 -18.23 -32.00 -17.97
N PRO A 427 -18.40 -33.29 -18.30
CA PRO A 427 -19.45 -33.65 -19.26
C PRO A 427 -20.85 -33.30 -18.79
N LEU A 428 -21.11 -33.41 -17.49
CA LEU A 428 -22.45 -33.13 -16.98
C LEU A 428 -22.74 -31.62 -16.95
N MET A 429 -21.73 -30.81 -16.62
CA MET A 429 -21.90 -29.36 -16.73
C MET A 429 -22.11 -28.95 -18.19
N GLN A 430 -21.37 -29.58 -19.11
CA GLN A 430 -21.56 -29.30 -20.53
C GLN A 430 -22.95 -29.69 -20.98
N GLN A 431 -23.43 -30.86 -20.54
CA GLN A 431 -24.76 -31.33 -20.91
C GLN A 431 -25.81 -30.80 -19.93
N ASP A 436 -21.88 -26.37 -9.55
CA ASP A 436 -22.18 -26.88 -8.22
C ASP A 436 -23.24 -27.98 -8.27
N GLU A 437 -24.16 -27.88 -9.23
CA GLU A 437 -25.18 -28.92 -9.39
C GLU A 437 -24.54 -30.24 -9.78
N ALA A 438 -23.56 -30.22 -10.68
CA ALA A 438 -22.86 -31.44 -11.05
C ALA A 438 -22.11 -32.02 -9.86
N CYS A 439 -21.46 -31.17 -9.05
CA CYS A 439 -20.77 -31.65 -7.87
C CYS A 439 -21.74 -32.30 -6.89
N ARG A 440 -22.92 -31.68 -6.70
CA ARG A 440 -23.91 -32.25 -5.81
C ARG A 440 -24.42 -33.59 -6.32
N GLU A 441 -24.66 -33.71 -7.63
CA GLU A 441 -25.25 -34.93 -8.17
C GLU A 441 -24.23 -36.04 -8.41
N ILE A 442 -22.93 -35.73 -8.39
CA ILE A 442 -21.89 -36.76 -8.54
C ILE A 442 -21.30 -37.16 -7.18
N TYR A 443 -20.88 -36.18 -6.39
CA TYR A 443 -20.28 -36.47 -5.10
C TYR A 443 -21.33 -36.44 -3.98
N ASN A 454 -24.47 -14.94 10.39
CA ASN A 454 -25.83 -15.32 10.73
C ASN A 454 -26.85 -14.41 10.04
N HIS A 455 -28.08 -14.41 10.55
CA HIS A 455 -29.16 -13.62 9.99
C HIS A 455 -29.51 -12.42 10.85
N HIS A 456 -29.54 -12.59 12.17
CA HIS A 456 -29.96 -11.53 13.09
C HIS A 456 -29.12 -10.28 12.93
N PHE A 457 -27.80 -10.44 12.88
CA PHE A 457 -26.87 -9.33 12.68
C PHE A 457 -26.29 -9.40 11.28
N LEU A 458 -26.24 -8.25 10.61
CA LEU A 458 -25.67 -8.17 9.28
C LEU A 458 -24.20 -8.56 9.33
N PRO A 459 -23.74 -9.45 8.46
CA PRO A 459 -22.34 -9.90 8.50
C PRO A 459 -21.42 -8.85 7.88
N GLN A 460 -20.13 -9.15 7.89
CA GLN A 460 -19.14 -8.23 7.38
C GLN A 460 -19.29 -8.04 5.87
N ILE A 461 -19.16 -6.80 5.43
CA ILE A 461 -19.20 -6.51 3.99
C ILE A 461 -17.99 -7.16 3.33
N PRO A 462 -18.17 -7.88 2.21
CA PRO A 462 -17.02 -8.55 1.59
C PRO A 462 -16.01 -7.54 1.05
N ALA A 463 -14.77 -7.68 1.55
CA ALA A 463 -13.69 -6.77 1.17
C ALA A 463 -13.11 -7.09 -0.20
N ASP A 464 -13.10 -8.36 -0.60
CA ASP A 464 -12.50 -8.74 -1.87
C ASP A 464 -13.40 -8.39 -3.05
N GLU A 465 -14.72 -8.52 -2.88
CA GLU A 465 -15.62 -8.24 -4.00
C GLU A 465 -15.71 -6.74 -4.28
N ILE A 466 -15.70 -5.93 -3.22
CA ILE A 466 -15.73 -4.47 -3.35
C ILE A 466 -14.29 -3.99 -3.47
N ARG A 467 -13.96 -3.36 -4.59
CA ARG A 467 -12.59 -2.91 -4.82
C ARG A 467 -12.37 -1.45 -4.43
N ASN A 468 -13.34 -0.59 -4.70
CA ASN A 468 -13.18 0.84 -4.40
C ASN A 468 -13.10 1.05 -2.90
N PRO A 469 -12.10 1.79 -2.39
CA PRO A 469 -11.91 1.87 -0.94
C PRO A 469 -12.95 2.72 -0.22
N VAL A 470 -13.37 3.84 -0.82
CA VAL A 470 -14.26 4.75 -0.11
C VAL A 470 -15.62 4.12 0.10
N VAL A 471 -16.14 3.40 -0.90
CA VAL A 471 -17.40 2.70 -0.72
C VAL A 471 -17.23 1.55 0.27
N LEU A 472 -16.06 0.92 0.30
CA LEU A 472 -15.82 -0.13 1.28
C LEU A 472 -15.92 0.42 2.70
N ARG A 473 -15.25 1.55 2.96
CA ARG A 473 -15.32 2.15 4.29
C ARG A 473 -16.73 2.62 4.61
N THR A 474 -17.43 3.20 3.63
CA THR A 474 -18.79 3.65 3.86
C THR A 474 -19.70 2.49 4.24
N LEU A 475 -19.59 1.36 3.52
CA LEU A 475 -20.40 0.20 3.82
C LEU A 475 -20.02 -0.40 5.17
N THR A 476 -18.74 -0.34 5.51
CA THR A 476 -18.29 -0.82 6.82
C THR A 476 -18.92 -0.03 7.95
N GLN A 477 -18.85 1.30 7.87
CA GLN A 477 -19.46 2.12 8.91
C GLN A 477 -20.97 1.95 8.93
N ALA A 478 -21.57 1.77 7.75
CA ALA A 478 -23.01 1.53 7.68
C ALA A 478 -23.38 0.25 8.41
N ARG A 479 -22.63 -0.84 8.19
CA ARG A 479 -22.95 -2.09 8.85
C ARG A 479 -22.66 -2.03 10.35
N LYS A 480 -21.65 -1.26 10.76
CA LYS A 480 -21.41 -1.08 12.19
C LYS A 480 -22.59 -0.37 12.85
N VAL A 481 -23.10 0.68 12.20
CA VAL A 481 -24.28 1.36 12.71
C VAL A 481 -25.48 0.41 12.74
N ILE A 482 -25.62 -0.42 11.71
CA ILE A 482 -26.74 -1.35 11.63
C ILE A 482 -26.68 -2.34 12.79
N ASN A 483 -25.50 -2.90 13.05
CA ASN A 483 -25.34 -3.83 14.16
C ASN A 483 -25.64 -3.17 15.49
N GLY A 484 -25.15 -1.94 15.68
CA GLY A 484 -25.43 -1.24 16.93
C GLY A 484 -26.92 -0.98 17.12
N VAL A 485 -27.61 -0.58 16.05
CA VAL A 485 -29.03 -0.29 16.18
C VAL A 485 -29.82 -1.56 16.45
N VAL A 486 -29.48 -2.66 15.78
CA VAL A 486 -30.16 -3.92 16.03
C VAL A 486 -29.92 -4.38 17.46
N ARG A 487 -28.69 -4.22 17.96
CA ARG A 487 -28.38 -4.59 19.33
C ARG A 487 -29.16 -3.74 20.32
N LEU A 488 -29.34 -2.46 20.05
CA LEU A 488 -30.00 -1.57 21.01
C LEU A 488 -31.52 -1.75 20.99
N TYR A 489 -32.13 -1.85 19.81
CA TYR A 489 -33.57 -1.87 19.70
C TYR A 489 -34.17 -3.21 19.28
N GLY A 490 -33.36 -4.13 18.79
CA GLY A 490 -33.89 -5.36 18.22
C GLY A 490 -33.85 -5.34 16.70
N SER A 491 -34.30 -6.45 16.12
CA SER A 491 -34.24 -6.60 14.68
C SER A 491 -35.19 -5.61 14.00
N PRO A 492 -34.75 -4.97 12.93
CA PRO A 492 -35.61 -4.00 12.23
C PRO A 492 -36.62 -4.68 11.33
N ALA A 493 -37.53 -3.88 10.79
CA ALA A 493 -38.55 -4.36 9.87
C ALA A 493 -38.11 -4.19 8.41
N ARG A 494 -37.75 -2.97 8.02
CA ARG A 494 -37.29 -2.69 6.68
C ARG A 494 -36.09 -1.76 6.73
N ILE A 495 -35.21 -1.88 5.75
CA ILE A 495 -34.02 -1.06 5.63
C ILE A 495 -34.06 -0.36 4.28
N HIS A 496 -33.95 0.97 4.29
CA HIS A 496 -33.98 1.78 3.08
C HIS A 496 -32.70 2.58 2.95
N ILE A 497 -32.33 2.87 1.71
CA ILE A 497 -31.05 3.49 1.38
C ILE A 497 -31.30 4.73 0.53
N GLU A 498 -30.66 5.83 0.89
CA GLU A 498 -30.76 7.08 0.14
C GLU A 498 -29.52 7.37 -0.70
N THR A 499 -28.57 6.42 -0.77
CA THR A 499 -27.37 6.53 -1.59
C THR A 499 -26.51 7.72 -1.18
N GLY A 500 -27.03 8.93 -1.37
CA GLY A 500 -26.32 10.13 -0.99
C GLY A 500 -25.22 10.54 -1.96
N TYR A 666 -24.28 0.05 -8.48
CA TYR A 666 -23.11 -0.75 -8.15
C TYR A 666 -22.73 -0.61 -6.68
N VAL A 667 -23.42 0.31 -6.00
CA VAL A 667 -23.17 0.57 -4.59
C VAL A 667 -24.46 0.33 -3.81
N ALA A 668 -25.49 1.10 -4.12
CA ALA A 668 -26.78 0.92 -3.47
C ALA A 668 -27.36 -0.44 -3.79
N ARG A 669 -27.22 -0.89 -5.04
CA ARG A 669 -27.72 -2.21 -5.41
C ARG A 669 -27.00 -3.32 -4.64
N PHE A 670 -25.68 -3.21 -4.52
CA PHE A 670 -24.94 -4.23 -3.78
C PHE A 670 -25.31 -4.25 -2.30
N LEU A 671 -25.43 -3.06 -1.69
CA LEU A 671 -25.86 -3.02 -0.29
C LEU A 671 -27.25 -3.59 -0.12
N CYS A 672 -28.17 -3.28 -1.04
CA CYS A 672 -29.52 -3.81 -0.95
C CYS A 672 -29.51 -5.33 -1.05
N ASN A 673 -28.76 -5.87 -2.02
CA ASN A 673 -28.68 -7.32 -2.16
C ASN A 673 -28.08 -7.97 -0.93
N PHE A 674 -27.01 -7.38 -0.39
CA PHE A 674 -26.36 -7.96 0.79
C PHE A 674 -27.29 -7.95 1.99
N ILE A 675 -28.00 -6.85 2.22
CA ILE A 675 -28.91 -6.78 3.36
C ILE A 675 -30.07 -7.76 3.17
N ALA A 676 -30.58 -7.88 1.94
CA ALA A 676 -31.69 -8.78 1.69
C ALA A 676 -31.30 -10.24 1.85
N ASP A 677 -30.09 -10.61 1.40
CA ASP A 677 -29.69 -12.01 1.33
C ASP A 677 -28.73 -12.40 2.46
N ASN A 678 -28.49 -11.52 3.43
CA ASN A 678 -27.57 -11.85 4.51
C ASN A 678 -28.07 -11.43 5.89
N MET A 679 -29.24 -10.80 5.98
CA MET A 679 -29.75 -10.30 7.25
C MET A 679 -31.18 -10.81 7.44
N HIS A 680 -31.54 -11.05 8.70
CA HIS A 680 -32.84 -11.65 9.03
C HIS A 680 -33.98 -10.71 8.67
N LEU A 681 -34.03 -9.55 9.34
CA LEU A 681 -35.03 -8.51 9.09
C LEU A 681 -36.44 -9.00 9.40
N THR A 682 -37.37 -8.08 9.62
CA THR A 682 -38.73 -8.42 10.05
C THR A 682 -39.74 -7.66 9.19
N GLY A 683 -39.55 -7.72 7.88
CA GLY A 683 -40.45 -7.06 6.95
C GLY A 683 -41.65 -7.92 6.60
N GLU A 684 -42.40 -7.44 5.61
CA GLU A 684 -43.58 -8.14 5.09
C GLU A 684 -43.56 -8.03 3.57
N GLY A 685 -43.27 -9.14 2.90
CA GLY A 685 -43.25 -9.20 1.46
C GLY A 685 -41.85 -9.36 0.92
N LYS A 686 -41.70 -9.10 -0.38
CA LYS A 686 -40.42 -9.19 -1.07
C LYS A 686 -39.76 -7.82 -1.22
N ARG A 687 -40.10 -6.87 -0.36
CA ARG A 687 -39.49 -5.55 -0.39
C ARG A 687 -38.72 -5.29 0.90
N LYS A 688 -37.95 -6.27 1.35
CA LYS A 688 -37.22 -6.14 2.60
C LYS A 688 -36.28 -4.94 2.58
N VAL A 689 -35.59 -4.72 1.46
CA VAL A 689 -34.70 -3.59 1.30
C VAL A 689 -35.19 -2.77 0.10
N PHE A 690 -35.21 -1.45 0.25
CA PHE A 690 -35.74 -0.56 -0.79
C PHE A 690 -34.88 0.71 -0.81
N ALA A 691 -33.98 0.78 -1.78
CA ALA A 691 -33.23 2.00 -2.03
C ALA A 691 -34.04 2.92 -2.96
N SER A 692 -33.71 4.21 -2.90
CA SER A 692 -34.45 5.20 -3.68
C SER A 692 -33.57 6.41 -3.93
N ASN A 693 -33.97 7.20 -4.92
CA ASN A 693 -33.25 8.42 -5.27
C ASN A 693 -33.66 9.54 -4.33
N GLY A 694 -32.67 10.29 -3.83
CA GLY A 694 -32.95 11.35 -2.89
C GLY A 694 -33.38 12.67 -3.48
N GLN A 695 -33.39 12.80 -4.80
CA GLN A 695 -33.71 14.08 -5.42
C GLN A 695 -35.21 14.38 -5.33
N ILE A 696 -36.03 13.51 -5.92
CA ILE A 696 -37.48 13.71 -5.87
C ILE A 696 -37.98 13.62 -4.44
N THR A 697 -37.45 12.67 -3.66
CA THR A 697 -37.83 12.54 -2.26
C THR A 697 -37.48 13.80 -1.48
N ALA A 698 -36.30 14.36 -1.71
CA ALA A 698 -35.90 15.56 -0.99
C ALA A 698 -36.69 16.77 -1.45
N LEU A 699 -37.15 16.79 -2.70
CA LEU A 699 -38.03 17.87 -3.14
C LEU A 699 -39.40 17.77 -2.46
N LEU A 700 -39.96 16.57 -2.38
CA LEU A 700 -41.22 16.38 -1.67
C LEU A 700 -41.08 16.75 -0.20
N ARG A 701 -39.95 16.37 0.42
CA ARG A 701 -39.66 16.80 1.79
C ARG A 701 -39.49 18.31 1.87
N SER A 702 -38.98 18.94 0.82
CA SER A 702 -38.83 20.39 0.79
C SER A 702 -40.19 21.08 0.73
N ARG A 703 -41.19 20.41 0.15
CA ARG A 703 -42.56 20.92 0.26
C ARG A 703 -42.99 21.03 1.71
N TRP A 704 -42.41 20.22 2.60
CA TRP A 704 -42.64 20.38 4.03
C TRP A 704 -41.78 21.48 4.65
N GLY A 705 -40.82 22.02 3.90
CA GLY A 705 -40.11 23.21 4.32
C GLY A 705 -38.89 23.02 5.21
N LEU A 706 -37.90 22.25 4.77
CA LEU A 706 -36.66 22.13 5.52
C LEU A 706 -35.44 22.19 4.60
N ALA A 707 -35.62 22.59 3.35
CA ALA A 707 -34.51 22.64 2.40
C ALA A 707 -33.58 23.80 2.73
N LYS A 708 -32.49 23.90 1.97
CA LYS A 708 -31.47 24.93 2.16
C LYS A 708 -30.92 24.91 3.59
N SER A 709 -30.76 23.71 4.13
CA SER A 709 -30.27 23.52 5.49
C SER A 709 -28.89 22.88 5.57
N ARG A 710 -28.46 22.19 4.52
CA ARG A 710 -27.19 21.48 4.55
C ARG A 710 -26.02 22.44 4.66
N GLU A 711 -25.25 22.30 5.73
CA GLU A 711 -24.05 23.08 5.96
C GLU A 711 -22.89 22.12 6.19
N ASP A 712 -21.71 22.71 6.44
CA ASP A 712 -20.52 21.89 6.68
C ASP A 712 -20.63 21.08 7.96
N ASN A 713 -21.55 21.45 8.86
CA ASN A 713 -21.74 20.69 10.07
C ASN A 713 -22.33 19.32 9.76
N ASP A 714 -21.94 18.33 10.57
CA ASP A 714 -22.29 16.94 10.29
C ASP A 714 -23.72 16.58 10.65
N ARG A 715 -24.47 17.47 11.32
CA ARG A 715 -25.83 17.13 11.70
C ARG A 715 -26.78 17.20 10.51
N HIS A 716 -26.39 17.87 9.43
CA HIS A 716 -27.25 17.93 8.25
C HIS A 716 -27.37 16.58 7.58
N HIS A 717 -26.32 15.75 7.69
CA HIS A 717 -26.33 14.42 7.08
C HIS A 717 -27.41 13.55 7.68
N ALA A 718 -27.85 13.84 8.91
CA ALA A 718 -28.92 13.07 9.53
C ALA A 718 -30.24 13.25 8.79
N LEU A 719 -30.41 14.35 8.06
CA LEU A 719 -31.64 14.57 7.30
C LEU A 719 -31.80 13.53 6.20
N ASP A 720 -30.69 13.20 5.52
CA ASP A 720 -30.73 12.21 4.45
C ASP A 720 -31.19 10.85 4.95
N ALA A 721 -30.93 10.54 6.22
CA ALA A 721 -31.41 9.30 6.81
C ALA A 721 -32.80 9.42 7.42
N VAL A 722 -33.15 10.61 7.92
CA VAL A 722 -34.49 10.83 8.48
C VAL A 722 -35.55 10.82 7.38
N VAL A 723 -35.18 11.21 6.15
CA VAL A 723 -36.13 11.30 5.05
C VAL A 723 -36.67 9.91 4.69
N VAL A 724 -36.19 8.87 5.39
CA VAL A 724 -36.64 7.51 5.13
C VAL A 724 -38.14 7.37 5.38
N ALA A 725 -38.73 8.30 6.14
CA ALA A 725 -40.15 8.19 6.46
C ALA A 725 -41.01 8.22 5.20
N CYS A 726 -40.71 9.12 4.27
CA CYS A 726 -41.45 9.19 3.01
C CYS A 726 -40.86 8.29 1.94
N SER A 727 -39.75 7.62 2.21
CA SER A 727 -39.16 6.69 1.25
C SER A 727 -38.25 5.68 1.95
N PHE A 771 -44.34 17.71 12.31
CA PHE A 771 -43.41 16.75 11.73
C PHE A 771 -42.06 17.40 11.45
N LYS A 772 -42.08 18.47 10.65
CA LYS A 772 -40.85 19.19 10.35
C LYS A 772 -40.24 19.80 11.62
N GLN A 773 -41.08 20.40 12.47
CA GLN A 773 -40.59 20.99 13.70
C GLN A 773 -40.01 19.94 14.63
N GLU A 774 -40.64 18.77 14.69
CA GLU A 774 -40.18 17.71 15.59
C GLU A 774 -38.79 17.24 15.21
N VAL A 775 -38.58 16.92 13.94
CA VAL A 775 -37.26 16.45 13.50
C VAL A 775 -36.25 17.58 13.59
N GLU A 776 -36.67 18.82 13.29
CA GLU A 776 -35.78 19.96 13.44
C GLU A 776 -35.26 20.07 14.88
N ILE A 777 -36.16 19.98 15.85
CA ILE A 777 -35.76 20.04 17.26
C ILE A 777 -34.87 18.85 17.62
N ARG A 778 -35.25 17.65 17.18
CA ARG A 778 -34.52 16.45 17.56
C ARG A 778 -33.09 16.47 17.04
N ILE A 779 -32.90 16.95 15.82
CA ILE A 779 -31.59 16.89 15.18
C ILE A 779 -30.76 18.15 15.47
N PHE A 780 -31.27 19.33 15.13
CA PHE A 780 -30.44 20.53 15.16
C PHE A 780 -30.21 21.01 16.59
N SER A 781 -31.26 21.00 17.42
CA SER A 781 -31.11 21.50 18.78
C SER A 781 -30.20 20.59 19.60
N ASP A 782 -29.54 21.19 20.59
CA ASP A 782 -28.60 20.49 21.45
C ASP A 782 -29.23 20.04 22.76
N ASN A 783 -30.53 20.30 22.96
CA ASN A 783 -31.23 19.92 24.18
C ASN A 783 -32.71 19.76 23.89
N PRO A 784 -33.09 18.73 23.14
CA PRO A 784 -34.52 18.53 22.85
C PRO A 784 -35.36 18.25 24.07
N LYS A 785 -34.76 17.77 25.17
CA LYS A 785 -35.53 17.47 26.37
C LYS A 785 -36.01 18.75 27.06
N LEU A 786 -35.14 19.75 27.17
CA LEU A 786 -35.53 21.01 27.81
C LEU A 786 -36.23 21.96 26.86
N GLU A 787 -36.24 21.67 25.56
CA GLU A 787 -36.92 22.51 24.58
C GLU A 787 -38.33 21.98 24.29
N LEU A 788 -38.42 20.73 23.83
CA LEU A 788 -39.71 20.09 23.60
C LEU A 788 -39.81 18.80 24.42
N VAL A 803 -35.80 12.76 22.95
CA VAL A 803 -35.20 11.72 23.78
C VAL A 803 -33.79 12.13 24.20
N GLN A 804 -32.92 12.29 23.22
CA GLN A 804 -31.54 12.73 23.45
C GLN A 804 -31.11 13.63 22.31
N PRO A 805 -30.20 14.57 22.58
CA PRO A 805 -29.64 15.38 21.50
C PRO A 805 -28.76 14.54 20.57
N LEU A 806 -28.72 14.94 19.31
CA LEU A 806 -27.88 14.24 18.35
C LEU A 806 -26.42 14.53 18.64
N PHE A 807 -25.62 13.48 18.74
CA PHE A 807 -24.20 13.59 19.02
C PHE A 807 -23.44 12.87 17.93
N VAL A 808 -22.59 13.61 17.21
CA VAL A 808 -21.84 13.03 16.10
C VAL A 808 -20.76 12.13 16.65
N SER A 809 -20.88 10.82 16.41
CA SER A 809 -19.91 9.85 16.89
C SER A 809 -18.86 9.65 15.81
N ARG A 810 -17.83 10.49 15.84
CA ARG A 810 -16.73 10.34 14.90
C ARG A 810 -16.02 9.02 15.14
N MET A 811 -15.60 8.38 14.04
CA MET A 811 -14.94 7.09 14.13
C MET A 811 -13.65 7.21 14.92
N PRO A 812 -13.47 6.45 15.99
CA PRO A 812 -12.23 6.55 16.78
C PRO A 812 -11.00 6.12 16.01
N THR A 813 -10.07 7.05 15.81
CA THR A 813 -8.83 6.78 15.09
C THR A 813 -7.73 6.47 16.11
N ARG A 814 -7.90 5.34 16.80
CA ARG A 814 -6.94 4.88 17.77
C ARG A 814 -5.87 3.96 17.17
N LYS A 815 -5.64 4.06 15.86
CA LYS A 815 -4.53 3.33 15.26
C LYS A 815 -3.21 3.89 15.78
N MET A 816 -2.26 3.00 16.05
CA MET A 816 -0.98 3.38 16.63
C MET A 816 0.16 3.27 15.62
N THR A 817 -0.17 3.26 14.32
CA THR A 817 0.81 3.16 13.26
C THR A 817 0.53 4.23 12.21
N GLY A 818 1.57 4.57 11.47
CA GLY A 818 1.46 5.62 10.47
C GLY A 818 2.84 6.12 10.07
N GLN A 819 2.86 7.30 9.48
CA GLN A 819 4.11 7.88 9.02
C GLN A 819 4.97 8.30 10.21
N GLY A 820 6.20 7.79 10.25
CA GLY A 820 7.09 8.13 11.35
C GLY A 820 7.52 9.58 11.32
N HIS A 821 7.79 10.11 10.13
CA HIS A 821 8.30 11.47 9.98
C HIS A 821 8.02 11.94 8.57
N MET A 822 8.19 13.24 8.36
CA MET A 822 8.03 13.81 7.03
C MET A 822 9.16 13.34 6.11
N GLU A 823 8.86 13.32 4.81
CA GLU A 823 9.81 12.75 3.85
C GLU A 823 11.00 13.68 3.62
N THR A 824 10.78 15.00 3.67
CA THR A 824 11.88 15.95 3.52
C THR A 824 12.81 15.88 4.73
N VAL A 825 14.02 15.35 4.52
CA VAL A 825 15.00 15.16 5.59
C VAL A 825 15.95 16.36 5.60
N LYS A 826 16.09 16.99 6.76
CA LYS A 826 16.99 18.11 6.95
C LYS A 826 18.21 17.68 7.76
N SER A 827 19.09 18.65 8.02
CA SER A 827 20.33 18.37 8.73
C SER A 827 20.17 18.54 10.23
N ALA A 828 20.84 17.68 11.00
CA ALA A 828 20.81 17.71 12.45
C ALA A 828 22.17 18.06 13.04
N LYS A 829 23.09 18.58 12.23
CA LYS A 829 24.41 18.94 12.74
C LYS A 829 24.34 20.11 13.71
N ARG A 830 23.44 21.06 13.46
CA ARG A 830 23.29 22.25 14.28
C ARG A 830 21.88 22.30 14.88
N LEU A 831 21.42 21.15 15.36
CA LEU A 831 20.06 21.05 15.90
C LEU A 831 19.95 21.66 17.29
N ASN A 832 21.04 21.70 18.06
CA ASN A 832 20.97 22.24 19.40
C ASN A 832 20.73 23.74 19.43
N GLU A 833 20.83 24.42 18.29
CA GLU A 833 20.41 25.81 18.19
C GLU A 833 18.92 25.94 17.87
N GLY A 834 18.24 24.83 17.61
CA GLY A 834 16.84 24.85 17.26
C GLY A 834 16.55 25.14 15.81
N ILE A 835 17.52 24.93 14.92
CA ILE A 835 17.36 25.20 13.49
C ILE A 835 17.95 24.05 12.69
N SER A 836 17.50 23.95 11.44
CA SER A 836 17.97 22.91 10.51
C SER A 836 18.34 23.55 9.18
N VAL A 837 19.29 22.92 8.49
CA VAL A 837 19.84 23.44 7.24
C VAL A 837 19.57 22.43 6.13
N ILE A 838 18.79 22.84 5.13
CA ILE A 838 18.46 21.98 4.00
C ILE A 838 18.60 22.78 2.71
N LYS A 839 19.25 22.16 1.72
CA LYS A 839 19.36 22.77 0.39
C LYS A 839 18.00 22.88 -0.26
N MET A 840 17.71 24.04 -0.86
CA MET A 840 16.53 24.19 -1.67
C MET A 840 16.89 24.79 -3.02
N PRO A 841 16.21 24.39 -4.09
CA PRO A 841 16.54 24.92 -5.42
C PRO A 841 16.18 26.40 -5.54
N LEU A 842 16.94 27.10 -6.39
CA LEU A 842 16.65 28.49 -6.70
C LEU A 842 15.32 28.67 -7.43
N THR A 843 14.74 27.58 -7.93
CA THR A 843 13.46 27.67 -8.64
C THR A 843 12.35 28.14 -7.71
N LYS A 844 12.43 27.82 -6.43
CA LYS A 844 11.39 28.16 -5.45
C LYS A 844 12.00 28.80 -4.20
N LEU A 845 12.91 29.75 -4.40
CA LEU A 845 13.55 30.46 -3.30
C LEU A 845 13.02 31.90 -3.29
N LYS A 846 12.27 32.25 -2.25
CA LYS A 846 11.65 33.55 -2.14
C LYS A 846 12.54 34.51 -1.34
N LEU A 847 12.00 35.67 -0.99
CA LEU A 847 12.76 36.62 -0.17
C LEU A 847 12.97 36.11 1.24
N LYS A 848 11.95 35.49 1.84
CA LYS A 848 12.07 35.03 3.22
C LYS A 848 13.13 33.94 3.36
N ASP A 849 13.15 32.97 2.45
CA ASP A 849 14.18 31.94 2.51
C ASP A 849 15.56 32.53 2.24
N LEU A 850 15.64 33.57 1.42
CA LEU A 850 16.92 34.26 1.21
C LEU A 850 17.39 34.93 2.49
N GLU A 851 16.47 35.56 3.23
CA GLU A 851 16.80 36.13 4.53
C GLU A 851 17.05 35.05 5.57
N LEU A 852 16.70 33.80 5.29
CA LEU A 852 17.01 32.67 6.14
C LEU A 852 18.23 31.90 5.66
N MET A 853 18.97 32.43 4.70
CA MET A 853 20.14 31.74 4.17
C MET A 853 21.24 31.67 5.24
N VAL A 854 21.94 30.54 5.27
CA VAL A 854 23.00 30.33 6.25
C VAL A 854 24.20 31.23 5.99
N ASN A 855 24.42 31.63 4.75
CA ASN A 855 25.62 32.37 4.36
C ASN A 855 25.34 33.87 4.20
N ARG A 856 24.46 34.42 5.04
CA ARG A 856 24.17 35.85 4.98
C ARG A 856 25.41 36.68 5.27
N GLU A 857 26.07 36.39 6.39
CA GLU A 857 27.23 37.15 6.82
C GLU A 857 28.55 36.49 6.51
N ARG A 858 28.55 35.17 6.33
CA ARG A 858 29.78 34.48 5.93
C ARG A 858 30.29 35.00 4.59
N GLU A 859 29.42 35.00 3.57
CA GLU A 859 29.81 35.38 2.22
C GLU A 859 28.75 36.33 1.68
N LYS A 860 29.09 37.62 1.61
CA LYS A 860 28.10 38.66 1.34
C LYS A 860 27.82 38.81 -0.15
N ASP A 861 28.83 38.58 -1.00
CA ASP A 861 28.72 38.92 -2.41
C ASP A 861 27.58 38.18 -3.10
N LEU A 862 27.45 36.87 -2.84
CA LEU A 862 26.35 36.11 -3.43
C LEU A 862 25.00 36.60 -2.90
N TYR A 863 24.93 36.93 -1.61
CA TYR A 863 23.67 37.36 -1.02
C TYR A 863 23.16 38.65 -1.67
N ASP A 864 24.06 39.61 -1.90
CA ASP A 864 23.63 40.87 -2.50
C ASP A 864 23.20 40.67 -3.96
N THR A 865 23.96 39.88 -4.71
CA THR A 865 23.59 39.64 -6.11
C THR A 865 22.27 38.89 -6.22
N LEU A 866 22.01 37.96 -5.30
CA LEU A 866 20.73 37.27 -5.27
C LEU A 866 19.60 38.25 -4.97
N LYS A 867 19.84 39.22 -4.09
CA LYS A 867 18.86 40.26 -3.83
C LYS A 867 18.58 41.07 -5.09
N ALA A 868 19.63 41.49 -5.79
CA ALA A 868 19.45 42.26 -7.01
C ALA A 868 18.74 41.45 -8.09
N ARG A 869 19.14 40.20 -8.28
CA ARG A 869 18.50 39.37 -9.29
C ARG A 869 17.04 39.08 -8.96
N LEU A 870 16.74 38.85 -7.68
CA LEU A 870 15.36 38.64 -7.27
C LEU A 870 14.53 39.90 -7.48
N GLU A 871 15.10 41.07 -7.18
CA GLU A 871 14.40 42.33 -7.41
C GLU A 871 14.30 42.63 -8.89
N ALA A 872 15.30 42.25 -9.69
CA ALA A 872 15.26 42.50 -11.13
C ALA A 872 14.09 41.78 -11.78
N PHE A 873 13.85 40.53 -11.40
CA PHE A 873 12.76 39.74 -11.94
C PHE A 873 11.52 39.74 -11.04
N ASN A 874 11.47 40.65 -10.07
CA ASN A 874 10.32 40.83 -9.18
C ASN A 874 10.00 39.55 -8.41
N ASP A 875 11.02 39.03 -7.73
CA ASP A 875 10.92 37.98 -6.72
C ASP A 875 10.47 36.63 -7.28
N ASP A 876 10.19 36.53 -8.58
CA ASP A 876 9.79 35.24 -9.13
C ASP A 876 11.02 34.35 -9.25
N PRO A 877 11.15 33.35 -8.37
CA PRO A 877 12.39 32.56 -8.35
C PRO A 877 12.63 31.74 -9.60
N ALA A 878 11.56 31.23 -10.22
CA ALA A 878 11.74 30.41 -11.42
C ALA A 878 12.30 31.23 -12.58
N LYS A 879 11.75 32.42 -12.80
CA LYS A 879 12.20 33.25 -13.91
C LYS A 879 13.54 33.92 -13.61
N ALA A 880 13.77 34.30 -12.35
CA ALA A 880 15.00 35.01 -11.99
C ALA A 880 16.23 34.16 -12.24
N PHE A 881 16.16 32.87 -11.90
CA PHE A 881 17.30 31.96 -12.03
C PHE A 881 17.05 30.86 -13.06
N ALA A 882 16.17 31.10 -14.03
CA ALA A 882 16.00 30.15 -15.13
C ALA A 882 17.28 29.98 -15.92
N GLU A 883 18.13 31.02 -15.97
CA GLU A 883 19.45 31.02 -16.56
C GLU A 883 20.50 30.71 -15.50
N PRO A 884 21.61 30.06 -15.88
CA PRO A 884 22.64 29.71 -14.88
C PRO A 884 23.21 30.93 -14.17
N PHE A 885 22.96 31.02 -12.86
CA PHE A 885 23.54 32.08 -12.06
C PHE A 885 25.05 31.93 -11.99
N ILE A 886 25.77 33.03 -12.14
CA ILE A 886 27.23 33.04 -12.13
C ILE A 886 27.68 33.91 -10.97
N LYS A 887 28.33 33.30 -9.98
CA LYS A 887 28.95 34.03 -8.88
C LYS A 887 30.43 34.26 -9.21
N LYS A 888 31.14 34.93 -8.30
CA LYS A 888 32.56 35.13 -8.48
C LYS A 888 33.28 33.79 -8.56
N GLY A 889 34.24 33.68 -9.48
CA GLY A 889 34.94 32.45 -9.71
C GLY A 889 34.38 31.58 -10.81
N GLY A 890 33.20 31.91 -11.34
CA GLY A 890 32.62 31.19 -12.44
C GLY A 890 31.75 30.00 -12.09
N ALA A 891 31.51 29.76 -10.80
CA ALA A 891 30.67 28.63 -10.40
C ALA A 891 29.20 28.93 -10.64
N ILE A 892 28.43 27.88 -10.86
CA ILE A 892 26.99 27.98 -11.09
C ILE A 892 26.27 27.67 -9.79
N VAL A 893 25.09 28.27 -9.61
CA VAL A 893 24.32 28.14 -8.38
C VAL A 893 22.92 27.67 -8.75
N LYS A 894 22.55 26.48 -8.27
CA LYS A 894 21.21 25.94 -8.44
C LYS A 894 20.48 25.74 -7.12
N SER A 895 21.18 25.28 -6.09
CA SER A 895 20.61 25.14 -4.75
C SER A 895 21.58 25.72 -3.73
N VAL A 896 21.02 26.29 -2.67
CA VAL A 896 21.82 26.88 -1.59
C VAL A 896 21.21 26.49 -0.26
N ARG A 897 22.06 26.22 0.72
CA ARG A 897 21.59 25.86 2.05
C ARG A 897 20.82 27.01 2.67
N VAL A 898 19.65 26.71 3.21
CA VAL A 898 18.76 27.70 3.81
C VAL A 898 18.34 27.22 5.19
N GLU A 899 18.59 28.04 6.21
CA GLU A 899 18.22 27.67 7.56
C GLU A 899 16.70 27.66 7.73
N GLN A 900 16.23 26.77 8.60
CA GLN A 900 14.83 26.68 8.96
C GLN A 900 14.71 26.34 10.43
N ILE A 901 13.70 26.89 11.09
CA ILE A 901 13.52 26.71 12.53
C ILE A 901 13.04 25.27 12.78
N GLN A 902 13.89 24.45 13.38
CA GLN A 902 13.57 23.04 13.65
C GLN A 902 14.02 22.74 15.08
N LYS A 903 13.11 22.91 16.04
CA LYS A 903 13.37 22.53 17.43
C LYS A 903 12.74 21.21 17.81
N SER A 904 11.92 20.62 16.93
CA SER A 904 11.26 19.36 17.20
C SER A 904 11.26 18.52 15.93
N GLY A 905 11.48 17.22 16.09
CA GLY A 905 11.49 16.34 14.94
C GLY A 905 12.05 14.97 15.30
N VAL A 906 12.40 14.21 14.27
CA VAL A 906 12.82 12.83 14.40
C VAL A 906 14.24 12.70 13.87
N LEU A 907 15.11 12.07 14.65
CA LEU A 907 16.48 11.80 14.21
C LEU A 907 16.45 10.60 13.27
N VAL A 908 16.65 10.85 11.98
CA VAL A 908 16.51 9.83 10.95
C VAL A 908 17.83 9.61 10.23
N ARG A 909 17.85 8.68 9.28
CA ARG A 909 19.04 8.33 8.51
C ARG A 909 20.18 7.94 9.44
N GLU A 910 19.88 7.05 10.39
CA GLU A 910 20.83 6.57 11.39
C GLU A 910 21.42 7.73 12.19
N GLY A 911 20.58 8.71 12.50
CA GLY A 911 20.98 9.86 13.29
C GLY A 911 21.64 10.98 12.52
N ASN A 912 21.93 10.80 11.24
CA ASN A 912 22.60 11.83 10.46
C ASN A 912 21.70 13.03 10.24
N GLY A 913 20.47 12.79 9.79
CA GLY A 913 19.53 13.84 9.50
C GLY A 913 18.41 13.94 10.53
N VAL A 914 17.53 14.91 10.28
CA VAL A 914 16.36 15.13 11.12
C VAL A 914 15.17 15.47 10.23
N ALA A 915 14.01 14.93 10.58
CA ALA A 915 12.78 15.21 9.85
C ALA A 915 11.67 15.55 10.84
N ASP A 916 10.70 16.32 10.38
CA ASP A 916 9.61 16.75 11.25
C ASP A 916 8.68 15.59 11.57
N ASN A 917 8.01 15.71 12.72
CA ASN A 917 7.03 14.70 13.12
C ASN A 917 5.87 14.70 12.13
N ALA A 918 5.30 13.52 11.89
CA ALA A 918 4.28 13.36 10.87
C ALA A 918 2.88 13.16 11.41
N SER A 919 2.72 12.44 12.52
CA SER A 919 1.38 12.13 13.01
C SER A 919 1.45 11.74 14.47
N MET A 920 0.63 12.40 15.29
CA MET A 920 0.50 12.05 16.71
C MET A 920 -0.44 10.87 16.86
N VAL A 921 0.02 9.84 17.56
CA VAL A 921 -0.78 8.64 17.77
C VAL A 921 -1.48 8.71 19.13
N ARG A 922 -0.85 9.36 20.09
CA ARG A 922 -1.40 9.45 21.43
C ARG A 922 -0.79 10.63 22.16
N VAL A 923 -1.53 11.17 23.13
CA VAL A 923 -1.02 12.15 24.07
C VAL A 923 -1.43 11.71 25.47
N ASP A 924 -0.48 11.72 26.40
CA ASP A 924 -0.71 11.31 27.78
C ASP A 924 -1.02 12.54 28.62
N VAL A 925 -2.28 12.72 28.98
CA VAL A 925 -2.68 13.81 29.86
C VAL A 925 -2.24 13.50 31.28
N PHE A 926 -1.77 14.53 31.99
CA PHE A 926 -1.26 14.37 33.33
C PHE A 926 -1.75 15.53 34.20
N THR A 927 -1.53 15.41 35.50
CA THR A 927 -1.77 16.49 36.45
C THR A 927 -0.61 16.54 37.43
N LYS A 928 -0.30 17.76 37.90
CA LYS A 928 0.84 17.94 38.80
C LYS A 928 0.56 19.18 39.67
N GLY A 929 0.08 18.95 40.89
CA GLY A 929 -0.17 20.05 41.80
C GLY A 929 -1.22 21.03 41.34
N GLY A 930 -2.36 20.52 40.86
CA GLY A 930 -3.41 21.34 40.34
C GLY A 930 -3.23 21.76 38.90
N LYS A 931 -2.13 21.38 38.26
CA LYS A 931 -1.86 21.69 36.87
C LYS A 931 -2.32 20.56 35.97
N TYR A 932 -2.30 20.81 34.67
CA TYR A 932 -2.59 19.80 33.66
C TYR A 932 -1.47 19.80 32.62
N PHE A 933 -0.99 18.61 32.28
CA PHE A 933 0.14 18.46 31.35
C PHE A 933 -0.20 17.47 30.25
N LEU A 934 0.44 17.66 29.11
CA LEU A 934 0.19 16.85 27.92
C LEU A 934 1.51 16.31 27.40
N VAL A 935 1.62 14.99 27.35
CA VAL A 935 2.84 14.34 26.86
C VAL A 935 2.55 13.75 25.48
N PRO A 936 3.01 14.37 24.41
CA PRO A 936 2.70 13.85 23.07
C PRO A 936 3.51 12.62 22.74
N ILE A 937 2.85 11.63 22.13
CA ILE A 937 3.49 10.40 21.67
C ILE A 937 3.30 10.33 20.16
N TYR A 938 4.39 10.05 19.45
CA TYR A 938 4.39 9.98 18.00
C TYR A 938 4.59 8.55 17.52
N THR A 939 4.31 8.35 16.23
CA THR A 939 4.44 7.01 15.65
C THR A 939 5.86 6.49 15.77
N TRP A 940 6.86 7.36 15.61
CA TRP A 940 8.24 6.91 15.71
C TRP A 940 8.59 6.51 17.15
N GLN A 941 7.97 7.16 18.14
CA GLN A 941 8.19 6.75 19.52
C GLN A 941 7.58 5.38 19.79
N VAL A 942 6.41 5.12 19.23
CA VAL A 942 5.80 3.79 19.36
C VAL A 942 6.69 2.75 18.70
N ALA A 943 7.17 3.04 17.49
CA ALA A 943 8.04 2.11 16.79
C ALA A 943 9.32 1.83 17.59
N LYS A 944 9.84 2.84 18.28
CA LYS A 944 11.06 2.71 19.06
C LYS A 944 10.80 2.19 20.46
N GLY A 945 9.55 1.99 20.84
CA GLY A 945 9.23 1.50 22.18
C GLY A 945 9.61 2.48 23.27
N ILE A 946 9.28 3.75 23.07
CA ILE A 946 9.63 4.82 24.00
C ILE A 946 8.36 5.42 24.56
N LEU A 947 8.25 5.46 25.89
CA LEU A 947 7.13 6.10 26.55
C LEU A 947 7.59 7.45 27.09
N PRO A 948 7.30 8.56 26.42
CA PRO A 948 7.84 9.85 26.85
C PRO A 948 7.21 10.31 28.16
N ASN A 949 7.97 11.14 28.89
CA ASN A 949 7.51 11.71 30.14
C ASN A 949 7.71 13.23 30.19
N LYS A 950 8.08 13.85 29.08
CA LYS A 950 8.24 15.30 29.00
C LYS A 950 6.97 15.90 28.41
N ALA A 951 6.42 16.90 29.10
CA ALA A 951 5.16 17.49 28.70
C ALA A 951 5.37 18.76 27.88
N ALA A 952 4.31 19.20 27.22
CA ALA A 952 4.36 20.38 26.36
C ALA A 952 4.35 21.63 27.25
N THR A 953 5.44 22.40 27.19
CA THR A 953 5.57 23.64 27.94
C THR A 953 6.05 24.74 27.00
N GLN A 954 5.42 25.91 27.10
CA GLN A 954 5.76 27.02 26.22
C GLN A 954 7.14 27.56 26.53
N TYR A 955 7.73 28.23 25.53
CA TYR A 955 8.97 28.99 25.61
C TYR A 955 10.20 28.11 25.86
N LYS A 956 10.05 26.80 25.97
CA LYS A 956 11.17 25.91 26.21
C LYS A 956 11.17 24.79 25.18
N ASP A 957 12.37 24.35 24.81
CA ASP A 957 12.52 23.24 23.88
C ASP A 957 12.48 21.91 24.64
N GLU A 958 12.44 20.82 23.87
CA GLU A 958 12.29 19.49 24.46
C GLU A 958 13.44 19.14 25.41
N GLU A 959 14.59 19.82 25.29
CA GLU A 959 15.71 19.54 26.18
C GLU A 959 15.35 19.82 27.63
N ASP A 960 14.64 20.92 27.88
CA ASP A 960 14.19 21.27 29.23
C ASP A 960 12.66 21.39 29.24
N TRP A 961 12.00 20.26 29.45
CA TRP A 961 10.55 20.22 29.66
C TRP A 961 10.25 19.73 31.07
N GLU A 962 9.10 20.17 31.58
CA GLU A 962 8.68 19.77 32.92
C GLU A 962 8.31 18.29 32.89
N VAL A 963 9.18 17.47 33.48
CA VAL A 963 9.06 16.02 33.39
C VAL A 963 8.08 15.51 34.44
N MET A 964 7.17 14.63 34.02
CA MET A 964 6.23 14.01 34.93
C MET A 964 6.96 13.04 35.86
N ASP A 965 6.84 13.28 37.16
CA ASP A 965 7.50 12.48 38.18
C ASP A 965 6.44 11.84 39.08
N ASN A 966 6.88 11.22 40.17
CA ASN A 966 5.97 10.58 41.10
C ASN A 966 5.01 11.58 41.75
N SER A 967 5.32 12.87 41.68
CA SER A 967 4.40 13.91 42.12
C SER A 967 3.32 14.22 41.09
N ALA A 968 3.40 13.63 39.91
CA ALA A 968 2.42 13.84 38.85
C ALA A 968 1.54 12.60 38.72
N THR A 969 0.23 12.80 38.70
CA THR A 969 -0.73 11.72 38.64
C THR A 969 -1.28 11.58 37.23
N PHE A 970 -1.12 10.42 36.64
CA PHE A 970 -1.65 10.14 35.31
C PHE A 970 -3.17 10.14 35.34
N LYS A 971 -3.78 10.84 34.39
CA LYS A 971 -5.24 10.88 34.28
C LYS A 971 -5.77 9.95 33.19
N PHE A 972 -5.35 10.16 31.95
CA PHE A 972 -5.80 9.30 30.85
C PHE A 972 -4.89 9.51 29.65
N SER A 973 -4.93 8.54 28.75
CA SER A 973 -4.23 8.60 27.47
C SER A 973 -5.21 8.93 26.37
N LEU A 974 -4.85 9.89 25.53
CA LEU A 974 -5.76 10.43 24.51
C LEU A 974 -5.26 10.07 23.13
N HIS A 975 -6.10 9.40 22.35
CA HIS A 975 -5.88 9.19 20.93
C HIS A 975 -6.68 10.21 20.14
N PRO A 976 -6.36 10.42 18.86
CA PRO A 976 -7.14 11.33 18.04
C PRO A 976 -8.61 10.93 17.97
N ASN A 977 -9.47 11.94 17.88
CA ASN A 977 -10.91 11.80 17.74
C ASN A 977 -11.56 11.17 18.97
N ASP A 978 -10.94 11.28 20.14
CA ASP A 978 -11.55 10.84 21.38
C ASP A 978 -12.25 11.99 22.08
N LEU A 979 -13.41 11.70 22.67
CA LEU A 979 -14.20 12.71 23.34
C LEU A 979 -13.51 13.19 24.61
N VAL A 980 -13.54 14.50 24.84
CA VAL A 980 -12.96 15.10 26.04
C VAL A 980 -13.89 16.20 26.54
N LYS A 981 -13.89 16.40 27.86
CA LYS A 981 -14.58 17.49 28.50
C LYS A 981 -13.57 18.44 29.12
N LEU A 982 -13.67 19.72 28.76
CA LEU A 982 -12.76 20.75 29.26
C LEU A 982 -13.56 21.80 30.00
N VAL A 983 -13.22 22.02 31.27
CA VAL A 983 -13.87 23.02 32.12
C VAL A 983 -12.84 24.06 32.51
N THR A 984 -13.18 25.33 32.32
CA THR A 984 -12.30 26.43 32.71
C THR A 984 -13.17 27.63 33.09
N LYS A 985 -12.51 28.71 33.49
CA LYS A 985 -13.24 29.93 33.87
C LYS A 985 -14.00 30.51 32.69
N LYS A 986 -13.40 30.50 31.50
CA LYS A 986 -14.02 31.13 30.34
C LYS A 986 -15.27 30.37 29.91
N LYS A 987 -15.12 29.14 29.45
CA LYS A 987 -16.26 28.36 28.97
C LYS A 987 -15.90 26.88 28.99
N THR A 988 -16.91 26.06 29.26
CA THR A 988 -16.78 24.62 29.20
C THR A 988 -17.37 24.10 27.89
N ILE A 989 -16.78 23.02 27.37
CA ILE A 989 -17.17 22.49 26.08
C ILE A 989 -16.81 21.01 26.03
N LEU A 990 -17.62 20.24 25.31
CA LEU A 990 -17.38 18.83 25.06
C LEU A 990 -17.08 18.65 23.58
N GLY A 991 -15.97 17.96 23.27
CA GLY A 991 -15.56 17.83 21.90
C GLY A 991 -14.55 16.72 21.72
N TYR A 992 -14.04 16.61 20.50
CA TYR A 992 -13.10 15.56 20.11
C TYR A 992 -11.70 16.13 20.02
N PHE A 993 -10.75 15.46 20.68
CA PHE A 993 -9.35 15.86 20.62
C PHE A 993 -8.81 15.65 19.21
N ASN A 994 -8.48 16.75 18.53
CA ASN A 994 -7.97 16.68 17.18
C ASN A 994 -6.46 16.82 17.09
N GLY A 995 -5.84 17.66 17.93
CA GLY A 995 -4.41 17.84 17.84
C GLY A 995 -3.81 18.70 18.94
N LEU A 996 -2.58 18.38 19.33
CA LEU A 996 -1.82 19.12 20.32
C LEU A 996 -0.72 19.92 19.64
N ASN A 997 -0.65 21.21 19.94
CA ASN A 997 0.44 22.06 19.46
C ASN A 997 1.64 21.86 20.37
N ARG A 998 2.72 21.28 19.83
CA ARG A 998 3.89 20.97 20.64
C ARG A 998 4.53 22.23 21.23
N ALA A 999 4.42 23.35 20.55
CA ALA A 999 5.07 24.59 20.99
C ALA A 999 4.23 25.29 22.07
N THR A 1000 3.00 25.67 21.73
CA THR A 1000 2.16 26.40 22.68
C THR A 1000 1.51 25.50 23.70
N GLY A 1001 1.54 24.18 23.49
CA GLY A 1001 0.95 23.27 24.44
C GLY A 1001 -0.55 23.19 24.41
N ASN A 1002 -1.21 23.90 23.50
CA ASN A 1002 -2.65 23.93 23.45
C ASN A 1002 -3.19 22.72 22.69
N ILE A 1003 -4.46 22.42 22.92
CA ILE A 1003 -5.17 21.35 22.24
C ILE A 1003 -6.20 21.96 21.31
N ASP A 1004 -6.26 21.46 20.09
CA ASP A 1004 -7.23 21.94 19.10
C ASP A 1004 -8.46 21.05 19.07
N ILE A 1005 -9.15 20.97 20.21
CA ILE A 1005 -10.37 20.18 20.29
C ILE A 1005 -11.41 20.75 19.33
N LYS A 1006 -12.14 19.86 18.67
CA LYS A 1006 -13.14 20.21 17.68
C LYS A 1006 -14.53 19.84 18.16
N GLU A 1007 -15.48 20.72 17.90
CA GLU A 1007 -16.87 20.44 18.21
C GLU A 1007 -17.31 19.17 17.48
N HIS A 1008 -18.14 18.37 18.16
CA HIS A 1008 -18.52 17.07 17.62
C HIS A 1008 -19.15 17.20 16.23
N ASP A 1009 -19.97 18.23 16.03
CA ASP A 1009 -20.63 18.44 14.75
C ASP A 1009 -19.87 19.39 13.84
N LEU A 1010 -18.72 19.92 14.27
CA LEU A 1010 -17.91 20.85 13.48
C LEU A 1010 -18.73 22.08 13.06
N ASP A 1011 -19.41 22.68 14.03
CA ASP A 1011 -20.18 23.89 13.75
C ASP A 1011 -19.25 25.02 13.31
N LYS A 1012 -19.63 25.71 12.23
CA LYS A 1012 -18.80 26.78 11.71
C LYS A 1012 -18.79 28.00 12.63
N SER A 1013 -19.88 28.23 13.36
CA SER A 1013 -19.93 29.34 14.31
C SER A 1013 -19.07 29.09 15.54
N LYS A 1014 -18.56 27.88 15.72
CA LYS A 1014 -17.76 27.51 16.89
C LYS A 1014 -16.32 27.26 16.42
N GLY A 1015 -15.41 28.12 16.84
CA GLY A 1015 -14.02 27.97 16.50
C GLY A 1015 -13.74 28.28 15.04
N LYS A 1016 -12.50 27.98 14.63
CA LYS A 1016 -12.09 28.18 13.24
C LYS A 1016 -12.61 27.00 12.41
N GLN A 1017 -13.66 27.26 11.63
CA GLN A 1017 -14.25 26.28 10.71
C GLN A 1017 -14.70 25.01 11.44
N GLY A 1018 -14.88 25.08 12.76
CA GLY A 1018 -15.36 23.98 13.57
C GLY A 1018 -14.47 23.61 14.72
N ILE A 1019 -13.19 23.97 14.65
CA ILE A 1019 -12.19 23.54 15.63
C ILE A 1019 -11.89 24.66 16.60
N PHE A 1020 -12.02 24.36 17.90
CA PHE A 1020 -11.62 25.30 18.95
C PHE A 1020 -10.10 25.23 19.07
N GLU A 1021 -9.44 25.96 18.19
CA GLU A 1021 -7.98 25.94 18.16
C GLU A 1021 -7.38 26.74 19.30
N GLY A 1022 -6.26 26.27 19.82
CA GLY A 1022 -5.47 27.03 20.77
C GLY A 1022 -6.04 27.13 22.17
N VAL A 1023 -7.05 26.33 22.50
CA VAL A 1023 -7.64 26.40 23.84
C VAL A 1023 -6.74 25.63 24.81
N GLY A 1024 -6.40 26.27 25.93
CA GLY A 1024 -5.44 25.70 26.85
C GLY A 1024 -6.07 24.94 28.00
N ILE A 1025 -5.24 24.14 28.67
CA ILE A 1025 -5.67 23.31 29.80
C ILE A 1025 -4.82 23.51 31.03
N LYS A 1026 -3.75 24.32 30.96
CA LYS A 1026 -2.83 24.45 32.09
C LYS A 1026 -3.54 24.95 33.34
N LEU A 1027 -4.56 25.80 33.17
CA LEU A 1027 -5.37 26.28 34.28
C LEU A 1027 -6.82 25.79 34.18
N ALA A 1028 -7.00 24.55 33.75
CA ALA A 1028 -8.34 23.99 33.62
C ALA A 1028 -8.81 23.44 34.97
N LEU A 1029 -10.05 23.77 35.33
CA LEU A 1029 -10.62 23.25 36.57
C LEU A 1029 -10.72 21.73 36.55
N SER A 1030 -11.21 21.18 35.44
CA SER A 1030 -11.32 19.73 35.29
C SER A 1030 -11.20 19.37 33.81
N PHE A 1031 -10.26 18.47 33.51
CA PHE A 1031 -10.06 17.95 32.16
C PHE A 1031 -10.23 16.45 32.20
N GLU A 1032 -11.31 15.95 31.61
CA GLU A 1032 -11.68 14.54 31.67
C GLU A 1032 -11.91 13.99 30.27
N LYS A 1033 -11.65 12.70 30.11
CA LYS A 1033 -11.82 12.01 28.85
C LYS A 1033 -13.19 11.35 28.82
N TYR A 1034 -13.93 11.57 27.74
CA TYR A 1034 -15.22 10.94 27.55
C TYR A 1034 -15.15 9.93 26.41
N GLN A 1035 -16.21 9.12 26.30
CA GLN A 1035 -16.33 8.12 25.26
C GLN A 1035 -17.82 7.95 24.93
N VAL A 1036 -18.09 7.42 23.75
CA VAL A 1036 -19.46 7.30 23.26
C VAL A 1036 -19.53 6.12 22.31
N ASP A 1037 -20.70 5.52 22.20
CA ASP A 1037 -20.94 4.42 21.28
C ASP A 1037 -20.96 4.95 19.85
N GLU A 1038 -20.95 4.02 18.90
CA GLU A 1038 -20.97 4.40 17.49
C GLU A 1038 -22.31 5.00 17.07
N LEU A 1039 -23.30 5.06 17.96
CA LEU A 1039 -24.59 5.66 17.68
C LEU A 1039 -24.77 7.01 18.34
N GLY A 1040 -23.70 7.59 18.89
CA GLY A 1040 -23.81 8.85 19.60
C GLY A 1040 -24.68 8.78 20.84
N LYS A 1041 -24.63 7.67 21.56
CA LYS A 1041 -25.48 7.45 22.73
C LYS A 1041 -24.63 7.01 23.92
N ASN A 1042 -25.20 7.20 25.10
CA ASN A 1042 -24.58 6.77 26.37
C ASN A 1042 -23.25 7.48 26.60
N ILE A 1043 -23.34 8.81 26.72
CA ILE A 1043 -22.17 9.63 27.03
C ILE A 1043 -21.90 9.56 28.53
N ARG A 1044 -20.65 9.24 28.88
CA ARG A 1044 -20.27 8.95 30.26
C ARG A 1044 -18.84 9.43 30.52
N LEU A 1045 -18.43 9.29 31.78
CA LEU A 1045 -17.06 9.63 32.19
C LEU A 1045 -16.19 8.39 32.20
N CYS A 1046 -15.06 8.45 31.50
CA CYS A 1046 -14.10 7.36 31.48
C CYS A 1046 -13.18 7.43 32.70
N LYS A 1047 -12.48 6.33 32.95
CA LYS A 1047 -11.57 6.28 34.09
C LYS A 1047 -10.50 5.22 33.87
N PRO A 1048 -9.40 5.57 33.19
CA PRO A 1048 -8.28 4.64 33.08
C PRO A 1048 -7.60 4.42 34.42
N SER A 1049 -6.96 3.26 34.56
CA SER A 1049 -6.28 2.90 35.80
C SER A 1049 -4.76 2.86 35.68
N LYS A 1050 -4.23 2.44 34.53
CA LYS A 1050 -2.79 2.36 34.34
C LYS A 1050 -2.41 2.95 32.99
N ARG A 1051 -1.21 3.51 32.93
CA ARG A 1051 -0.66 4.07 31.70
C ARG A 1051 -0.23 2.93 30.79
N GLN A 1052 -1.06 2.62 29.79
CA GLN A 1052 -0.79 1.50 28.90
C GLN A 1052 0.41 1.82 28.00
N PRO A 1053 1.34 0.87 27.82
CA PRO A 1053 2.51 1.13 26.97
C PRO A 1053 2.12 1.27 25.51
N VAL A 1054 2.99 1.94 24.76
CA VAL A 1054 2.80 2.20 23.34
C VAL A 1054 3.65 1.21 22.54
N ARG A 1055 3.06 0.06 22.22
CA ARG A 1055 3.68 -0.90 21.29
C ARG A 1055 2.62 -1.56 20.42
N MET E 2 8.91 -32.32 6.22
CA MET E 2 10.12 -33.11 6.19
C MET E 2 11.20 -32.42 5.35
N LYS E 3 12.13 -33.21 4.81
CA LYS E 3 13.19 -32.66 3.99
C LYS E 3 12.62 -32.22 2.64
N ILE E 4 12.73 -30.94 2.34
CA ILE E 4 12.15 -30.37 1.13
C ILE E 4 13.18 -30.43 0.00
N THR E 5 12.75 -30.94 -1.14
CA THR E 5 13.57 -30.99 -2.35
C THR E 5 12.87 -30.22 -3.46
N SER E 6 13.50 -30.23 -4.65
CA SER E 6 12.92 -29.53 -5.80
C SER E 6 11.60 -30.18 -6.23
N SER E 7 11.55 -31.51 -6.20
CA SER E 7 10.37 -32.22 -6.71
C SER E 7 9.20 -32.15 -5.72
N ASN E 8 9.44 -32.54 -4.47
CA ASN E 8 8.38 -32.60 -3.47
C ASN E 8 8.06 -31.25 -2.84
N PHE E 9 8.48 -30.14 -3.44
CA PHE E 9 8.22 -28.83 -2.86
C PHE E 9 6.72 -28.58 -2.72
N ALA E 10 5.94 -28.92 -3.74
CA ALA E 10 4.52 -28.62 -3.73
C ALA E 10 3.71 -29.55 -2.83
N THR E 11 4.31 -30.63 -2.33
CA THR E 11 3.57 -31.56 -1.48
C THR E 11 3.61 -31.19 -0.01
N ILE E 12 4.59 -30.40 0.42
CA ILE E 12 4.64 -29.85 1.77
C ILE E 12 4.08 -28.45 1.82
N ALA E 13 4.34 -27.64 0.79
CA ALA E 13 3.87 -26.26 0.78
C ALA E 13 2.40 -26.18 0.38
N THR E 14 1.56 -26.92 1.08
CA THR E 14 0.13 -26.94 0.83
C THR E 14 -0.56 -25.81 1.59
N SER E 15 -1.82 -25.57 1.24
CA SER E 15 -2.60 -24.59 1.98
C SER E 15 -3.02 -25.14 3.35
N GLU E 16 -3.08 -26.47 3.48
CA GLU E 16 -3.45 -27.06 4.76
C GLU E 16 -2.38 -26.80 5.82
N ASN E 17 -1.11 -26.96 5.46
CA ASN E 17 -0.03 -26.64 6.39
C ASN E 17 -0.05 -25.16 6.75
N PHE E 18 -0.31 -24.30 5.77
CA PHE E 18 -0.37 -22.86 6.05
C PHE E 18 -1.50 -22.53 7.03
N ALA E 19 -2.67 -23.15 6.84
CA ALA E 19 -3.76 -22.93 7.78
C ALA E 19 -3.52 -23.58 9.13
N LYS E 20 -2.65 -24.59 9.18
CA LYS E 20 -2.25 -25.18 10.46
C LYS E 20 -1.15 -24.37 11.15
N LEU E 21 -0.48 -23.48 10.44
CA LEU E 21 0.55 -22.62 11.01
C LEU E 21 -0.01 -21.36 11.66
N SER E 22 -1.33 -21.17 11.64
CA SER E 22 -1.95 -19.95 12.12
C SER E 22 -2.22 -19.95 13.61
N VAL E 23 -1.94 -21.04 14.32
CA VAL E 23 -2.20 -21.13 15.75
C VAL E 23 -0.98 -20.80 16.59
N LEU E 24 0.13 -20.43 15.97
CA LEU E 24 1.34 -20.09 16.70
C LEU E 24 1.21 -18.70 17.34
N PRO E 25 2.02 -18.42 18.36
CA PRO E 25 2.07 -17.06 18.89
C PRO E 25 2.63 -16.08 17.87
N LYS E 26 2.24 -14.81 18.04
CA LYS E 26 2.57 -13.78 17.05
C LYS E 26 4.07 -13.69 16.80
N ASN E 27 4.88 -13.77 17.87
CA ASN E 27 6.33 -13.60 17.72
C ASN E 27 6.94 -14.71 16.88
N HIS E 28 6.30 -15.86 16.77
CA HIS E 28 6.80 -16.97 15.96
C HIS E 28 6.02 -17.20 14.68
N ARG E 29 4.71 -16.99 14.68
CA ARG E 29 3.91 -17.27 13.49
C ARG E 29 4.33 -16.40 12.31
N GLU E 30 4.51 -15.09 12.56
CA GLU E 30 4.85 -14.18 11.47
C GLU E 30 6.17 -14.48 10.80
N PRO E 31 7.28 -14.73 11.53
CA PRO E 31 8.52 -15.12 10.84
C PRO E 31 8.39 -16.42 10.06
N ILE E 32 7.51 -17.33 10.49
CA ILE E 32 7.40 -18.61 9.82
C ILE E 32 6.45 -18.52 8.63
N LYS E 33 5.31 -17.84 8.80
CA LYS E 33 4.41 -17.64 7.67
C LYS E 33 5.04 -16.74 6.61
N GLY E 34 5.94 -15.84 7.01
CA GLY E 34 6.66 -15.04 6.04
C GLY E 34 7.65 -15.85 5.22
N LEU E 35 8.36 -16.77 5.88
CA LEU E 35 9.27 -17.66 5.15
C LEU E 35 8.49 -18.69 4.34
N PHE E 36 7.21 -18.89 4.65
CA PHE E 36 6.40 -19.84 3.90
C PHE E 36 5.88 -19.22 2.61
N LYS E 37 5.26 -18.04 2.71
CA LYS E 37 4.76 -17.37 1.51
C LYS E 37 5.90 -16.99 0.58
N SER E 38 7.02 -16.51 1.12
CA SER E 38 8.15 -16.13 0.28
C SER E 38 8.69 -17.31 -0.51
N ALA E 39 8.77 -18.48 0.13
CA ALA E 39 9.21 -19.68 -0.58
C ALA E 39 8.25 -20.04 -1.70
N VAL E 40 6.94 -19.89 -1.46
CA VAL E 40 5.97 -20.18 -2.50
C VAL E 40 6.05 -19.17 -3.63
N GLU E 41 6.17 -17.88 -3.30
CA GLU E 41 6.26 -16.85 -4.33
C GLU E 41 7.49 -17.04 -5.21
N GLN E 42 8.65 -17.30 -4.59
CA GLN E 42 9.86 -17.49 -5.37
C GLN E 42 9.80 -18.76 -6.21
N PHE E 43 9.05 -19.76 -5.77
CA PHE E 43 8.95 -21.03 -6.48
C PHE E 43 7.82 -21.04 -7.50
N SER E 44 6.66 -20.46 -7.15
CA SER E 44 5.53 -20.45 -8.08
C SER E 44 5.84 -19.71 -9.38
N SER E 45 6.83 -18.82 -9.37
CA SER E 45 7.22 -18.07 -10.55
C SER E 45 8.69 -18.29 -10.88
N ALA E 46 9.13 -19.55 -10.81
CA ALA E 46 10.50 -19.90 -11.17
C ALA E 46 10.70 -20.08 -12.66
N ARG E 47 9.63 -20.11 -13.44
CA ARG E 47 9.70 -20.22 -14.89
C ARG E 47 9.38 -18.90 -15.59
N ASP E 48 9.05 -17.86 -14.83
CA ASP E 48 8.74 -16.55 -15.42
C ASP E 48 9.94 -15.90 -16.07
N PHE E 49 11.16 -16.40 -15.83
CA PHE E 49 12.35 -15.87 -16.48
C PHE E 49 12.39 -16.18 -17.97
N PHE E 50 11.52 -17.07 -18.45
CA PHE E 50 11.44 -17.39 -19.87
C PHE E 50 10.36 -16.61 -20.60
N LYS E 51 9.37 -16.08 -19.88
CA LYS E 51 8.32 -15.28 -20.50
C LYS E 51 8.83 -13.94 -21.03
N ASN E 52 10.05 -13.55 -20.69
CA ASN E 52 10.62 -12.29 -21.13
C ASN E 52 11.78 -12.56 -22.07
N GLU E 53 11.87 -11.75 -23.13
CA GLU E 53 12.90 -11.93 -24.16
C GLU E 53 14.22 -11.25 -23.80
N ASN E 54 14.29 -10.55 -22.67
CA ASN E 54 15.51 -9.86 -22.27
C ASN E 54 16.58 -10.80 -21.75
N TYR E 55 16.23 -12.03 -21.38
CA TYR E 55 17.17 -12.99 -20.81
C TYR E 55 17.38 -14.13 -21.78
N SER E 56 18.65 -14.47 -22.04
CA SER E 56 18.96 -15.63 -22.87
C SER E 56 18.58 -16.92 -22.15
N LYS E 57 18.39 -17.98 -22.94
CA LYS E 57 17.98 -19.26 -22.38
C LYS E 57 18.99 -19.76 -21.35
N GLU E 58 20.28 -19.62 -21.65
CA GLU E 58 21.32 -20.00 -20.69
C GLU E 58 21.23 -19.15 -19.44
N LEU E 59 20.96 -17.86 -19.59
CA LEU E 59 20.85 -16.97 -18.44
C LEU E 59 19.59 -17.25 -17.65
N ALA E 60 18.45 -17.40 -18.33
CA ALA E 60 17.21 -17.73 -17.63
C ALA E 60 17.28 -19.09 -16.97
N GLU E 61 18.14 -19.97 -17.47
CA GLU E 61 18.36 -21.25 -16.79
C GLU E 61 19.04 -21.05 -15.45
N LYS E 62 20.01 -20.13 -15.38
CA LYS E 62 20.68 -19.85 -14.11
C LYS E 62 19.72 -19.20 -13.12
N PHE E 63 18.86 -18.30 -13.60
CA PHE E 63 17.87 -17.69 -12.72
C PHE E 63 16.79 -18.68 -12.29
N ASN E 64 16.58 -19.75 -13.06
CA ASN E 64 15.64 -20.78 -12.65
C ASN E 64 16.20 -21.60 -11.50
N LYS E 65 17.48 -21.98 -11.58
CA LYS E 65 18.12 -22.70 -10.49
C LYS E 65 18.11 -21.89 -9.21
N GLU E 66 18.36 -20.58 -9.32
CA GLU E 66 18.32 -19.71 -8.15
C GLU E 66 16.92 -19.62 -7.57
N ALA E 67 15.91 -19.47 -8.43
CA ALA E 67 14.53 -19.33 -7.97
C ALA E 67 13.96 -20.63 -7.42
N VAL E 68 14.66 -21.75 -7.57
CA VAL E 68 14.22 -23.02 -7.02
C VAL E 68 15.01 -23.41 -5.78
N ASN E 69 16.34 -23.38 -5.87
CA ASN E 69 17.17 -23.80 -4.74
C ASN E 69 17.02 -22.87 -3.55
N GLU E 70 16.82 -21.57 -3.79
CA GLU E 70 16.65 -20.63 -2.69
C GLU E 70 15.23 -20.71 -2.11
N ALA E 71 14.24 -21.03 -2.93
CA ALA E 71 12.88 -21.14 -2.43
C ALA E 71 12.67 -22.42 -1.62
N VAL E 72 13.38 -23.49 -1.97
CA VAL E 72 13.34 -24.71 -1.16
C VAL E 72 13.94 -24.44 0.22
N GLU E 73 15.06 -23.72 0.26
CA GLU E 73 15.69 -23.37 1.53
C GLU E 73 14.76 -22.51 2.38
N LYS E 74 14.05 -21.57 1.74
CA LYS E 74 13.11 -20.73 2.47
C LYS E 74 11.96 -21.55 3.04
N LEU E 75 11.53 -22.59 2.32
CA LEU E 75 10.46 -23.44 2.82
C LEU E 75 10.96 -24.38 3.91
N GLN E 76 12.20 -24.87 3.79
CA GLN E 76 12.75 -25.75 4.79
C GLN E 76 12.83 -25.07 6.16
N LYS E 77 13.28 -23.82 6.18
CA LYS E 77 13.39 -23.09 7.45
C LYS E 77 12.02 -22.92 8.10
N ALA E 78 11.00 -22.60 7.32
CA ALA E 78 9.66 -22.45 7.86
C ALA E 78 9.16 -23.74 8.48
N ILE E 79 9.39 -24.87 7.80
CA ILE E 79 8.99 -26.16 8.35
C ILE E 79 9.84 -26.53 9.56
N ASP E 80 11.15 -26.30 9.48
CA ASP E 80 12.05 -26.63 10.59
C ASP E 80 11.66 -25.85 11.84
N LEU E 81 11.41 -24.54 11.69
CA LEU E 81 10.98 -23.75 12.84
C LEU E 81 9.65 -24.24 13.38
N ALA E 82 8.72 -24.61 12.48
CA ALA E 82 7.44 -25.14 12.92
C ALA E 82 7.61 -26.48 13.64
N GLU E 83 8.56 -27.31 13.19
CA GLU E 83 8.86 -28.55 13.88
C GLU E 83 9.42 -28.28 15.28
N LYS E 84 10.29 -27.28 15.39
CA LYS E 84 10.77 -26.86 16.71
C LYS E 84 9.61 -26.38 17.57
N GLN E 85 8.59 -25.79 16.94
CA GLN E 85 7.39 -25.38 17.65
C GLN E 85 6.45 -26.58 17.82
N GLY E 86 5.22 -26.32 18.25
CA GLY E 86 4.27 -27.40 18.50
C GLY E 86 3.46 -27.80 17.28
N ILE E 87 3.67 -27.11 16.16
CA ILE E 87 2.88 -27.38 14.95
C ILE E 87 3.13 -28.79 14.44
N GLN E 88 4.36 -29.28 14.57
CA GLN E 88 4.78 -30.59 14.05
C GLN E 88 3.75 -31.70 14.20
#